data_5HQ8
#
_entry.id   5HQ8
#
_cell.length_a   53.109
_cell.length_b   118.155
_cell.length_c   84.782
_cell.angle_alpha   90.00
_cell.angle_beta   90.61
_cell.angle_gamma   90.00
#
_symmetry.space_group_name_H-M   'P 1 21 1'
#
loop_
_entity.id
_entity.type
_entity.pdbx_description
1 polymer 'Histone-lysine N-methyltransferase SMYD3'
2 polymer 'MEKK2 peptide'
3 non-polymer 'ZINC ION'
4 non-polymer 'MAGNESIUM ION'
5 non-polymer 1,2-ETHANEDIOL
6 non-polymer S-ADENOSYL-L-HOMOCYSTEINE
7 non-polymer GLYCEROL
8 water water
#
loop_
_entity_poly.entity_id
_entity_poly.type
_entity_poly.pdbx_seq_one_letter_code
_entity_poly.pdbx_strand_id
1 'polypeptide(L)'
;GSFTMEPLKVEKFATANRGNGLRAVTPLRPGELLFRSDPLAYTVCKGSRGVVCDRCLLGKEKLMRCSQCRVAKYCSAKCQ
KKAWPDHKRECKCLKSCKPRYPPDSVRLLGRVVFKLMDGAPSESEKLYSFYDLESNINKLTEDKKEGLRQLVMTFQHFMR
EEIQDASQLPPAFDLFEAFAKVICNSFTICNAEMQEVGVGLYPSISLLNHSCDPNCSIVFNGPHLLLRAVRDIEVGEELT
ICYLDMLMTSEERRKQLRDQYCFECDCFRCQTQDKDADMLTGDEQVWKEVQESLKKIEELKAHWKWEQVLAMCQAIISSN
SERLPDINIYQLKVLDCAMDACINLGLLEEALFYGTRTMEPYRIFFPGSHPVRGVQVMKVGKLQLHQGMFPQAMKNLRLA
FDIMRVTHGREHSLIEDLILLLEECDANIRAS
;
A,B
2 'polypeptide(L)' YDNPIFEKFGKGGTY(NH2) I,J
#
loop_
_chem_comp.id
_chem_comp.type
_chem_comp.name
_chem_comp.formula
EDO non-polymer 1,2-ETHANEDIOL 'C2 H6 O2'
GOL non-polymer GLYCEROL 'C3 H8 O3'
MG non-polymer 'MAGNESIUM ION' 'Mg 2'
NH2 non-polymer 'AMINO GROUP' 'H2 N'
SAH non-polymer S-ADENOSYL-L-HOMOCYSTEINE 'C14 H20 N6 O5 S'
ZN non-polymer 'ZINC ION' 'Zn 2'
#
# COMPACT_ATOMS: atom_id res chain seq x y z
N PRO A 7 -31.47 -3.39 -2.80
CA PRO A 7 -30.39 -4.35 -3.11
C PRO A 7 -29.02 -3.96 -2.50
N LEU A 8 -28.47 -4.81 -1.63
CA LEU A 8 -27.28 -4.44 -0.87
C LEU A 8 -26.03 -4.43 -1.73
N LYS A 9 -25.16 -3.44 -1.49
CA LYS A 9 -23.88 -3.28 -2.17
C LYS A 9 -22.76 -3.96 -1.42
N VAL A 10 -23.07 -4.58 -0.27
CA VAL A 10 -22.11 -5.17 0.66
C VAL A 10 -22.61 -6.54 1.07
N GLU A 11 -21.67 -7.41 1.44
CA GLU A 11 -22.04 -8.75 1.84
C GLU A 11 -21.04 -9.26 2.88
N LYS A 12 -21.54 -10.06 3.81
CA LYS A 12 -20.70 -10.78 4.75
C LYS A 12 -19.93 -11.89 4.04
N PHE A 13 -18.69 -12.10 4.46
CA PHE A 13 -17.89 -13.24 3.98
C PHE A 13 -16.91 -13.63 5.06
N ALA A 14 -16.36 -14.85 4.90
CA ALA A 14 -15.32 -15.32 5.82
C ALA A 14 -13.95 -14.96 5.26
N THR A 15 -13.20 -14.12 5.98
CA THR A 15 -11.84 -13.80 5.60
C THR A 15 -10.91 -14.98 5.91
N ALA A 16 -9.72 -14.93 5.34
CA ALA A 16 -8.76 -15.96 5.69
C ALA A 16 -8.41 -15.94 7.18
N ASN A 17 -7.74 -14.88 7.65
CA ASN A 17 -7.20 -14.83 9.01
C ASN A 17 -7.84 -13.89 10.01
N ARG A 18 -8.80 -13.09 9.58
CA ARG A 18 -9.41 -12.04 10.40
CA ARG A 18 -9.44 -12.03 10.36
C ARG A 18 -10.85 -12.36 10.85
N GLY A 19 -11.31 -13.61 10.72
CA GLY A 19 -12.70 -13.85 11.11
C GLY A 19 -13.63 -13.45 9.98
N ASN A 20 -14.85 -13.03 10.35
CA ASN A 20 -15.78 -12.54 9.37
C ASN A 20 -15.47 -11.10 8.98
N GLY A 21 -15.97 -10.71 7.79
CA GLY A 21 -15.79 -9.35 7.34
C GLY A 21 -16.88 -8.97 6.38
N LEU A 22 -16.74 -7.79 5.79
CA LEU A 22 -17.68 -7.27 4.82
C LEU A 22 -16.92 -6.96 3.53
N ARG A 23 -17.51 -7.30 2.39
CA ARG A 23 -16.85 -7.00 1.12
C ARG A 23 -17.86 -6.42 0.12
N ALA A 24 -17.33 -5.75 -0.92
CA ALA A 24 -18.14 -5.10 -1.93
C ALA A 24 -18.76 -6.11 -2.91
N VAL A 25 -20.07 -5.98 -3.13
CA VAL A 25 -20.77 -6.78 -4.14
C VAL A 25 -20.60 -6.19 -5.55
N THR A 26 -20.55 -4.87 -5.66
CA THR A 26 -20.42 -4.14 -6.91
C THR A 26 -19.28 -3.16 -6.74
N PRO A 27 -18.72 -2.61 -7.80
CA PRO A 27 -17.70 -1.59 -7.61
C PRO A 27 -18.36 -0.37 -6.97
N LEU A 28 -17.58 0.31 -6.12
CA LEU A 28 -18.06 1.42 -5.32
C LEU A 28 -17.24 2.66 -5.62
N ARG A 29 -17.90 3.82 -5.63
CA ARG A 29 -17.25 5.09 -5.91
C ARG A 29 -17.14 5.88 -4.62
N PRO A 30 -16.18 6.80 -4.53
CA PRO A 30 -16.09 7.64 -3.33
C PRO A 30 -17.40 8.33 -3.05
N GLY A 31 -17.79 8.29 -1.79
CA GLY A 31 -18.99 8.93 -1.35
C GLY A 31 -20.22 8.06 -1.39
N GLU A 32 -20.12 6.87 -1.99
CA GLU A 32 -21.31 6.02 -2.12
C GLU A 32 -21.80 5.57 -0.74
N LEU A 33 -23.11 5.69 -0.49
CA LEU A 33 -23.69 5.21 0.77
C LEU A 33 -23.86 3.69 0.71
N LEU A 34 -23.16 2.97 1.59
CA LEU A 34 -23.17 1.49 1.64
C LEU A 34 -24.24 0.91 2.55
N PHE A 35 -24.48 1.53 3.70
CA PHE A 35 -25.36 0.97 4.70
C PHE A 35 -25.75 2.11 5.60
N ARG A 36 -26.89 1.98 6.25
CA ARG A 36 -27.25 2.94 7.28
C ARG A 36 -28.03 2.18 8.35
N SER A 37 -27.85 2.62 9.58
CA SER A 37 -28.39 1.85 10.69
C SER A 37 -28.71 2.74 11.87
N ASP A 38 -29.85 2.45 12.52
CA ASP A 38 -30.00 2.88 13.90
C ASP A 38 -29.29 1.89 14.81
N PRO A 39 -29.00 2.26 16.07
CA PRO A 39 -28.39 1.28 17.00
C PRO A 39 -29.36 0.17 17.36
N LEU A 40 -28.79 -0.99 17.69
CA LEU A 40 -29.59 -1.97 18.41
C LEU A 40 -29.96 -1.42 19.78
N ALA A 41 -29.00 -0.75 20.42
CA ALA A 41 -29.18 -0.02 21.66
C ALA A 41 -28.07 1.02 21.75
N TYR A 42 -28.33 2.09 22.50
CA TYR A 42 -27.32 3.13 22.71
C TYR A 42 -27.60 3.87 24.01
N THR A 43 -26.61 4.62 24.47
CA THR A 43 -26.80 5.48 25.64
C THR A 43 -25.91 6.70 25.50
N VAL A 44 -26.35 7.79 26.12
CA VAL A 44 -25.49 8.96 26.28
C VAL A 44 -24.28 8.54 27.10
N CYS A 45 -23.11 9.16 26.85
CA CYS A 45 -21.84 8.92 27.52
CA CYS A 45 -21.93 8.76 27.59
C CYS A 45 -21.79 9.55 28.91
N LYS A 46 -20.85 9.09 29.72
CA LYS A 46 -20.72 9.61 31.10
C LYS A 46 -20.53 11.12 31.12
N GLY A 47 -19.59 11.63 30.33
CA GLY A 47 -19.34 13.06 30.41
C GLY A 47 -20.45 13.92 29.85
N SER A 48 -21.28 13.37 28.97
CA SER A 48 -22.33 14.14 28.32
C SER A 48 -23.68 14.01 28.96
N ARG A 49 -23.83 13.17 29.96
CA ARG A 49 -25.16 13.01 30.52
C ARG A 49 -25.54 14.32 31.22
N GLY A 50 -26.76 14.76 31.00
CA GLY A 50 -27.23 16.06 31.47
C GLY A 50 -26.82 17.26 30.65
N VAL A 51 -25.84 17.11 29.75
CA VAL A 51 -25.46 18.10 28.75
C VAL A 51 -26.26 17.97 27.46
N VAL A 52 -26.47 16.74 26.99
CA VAL A 52 -27.22 16.46 25.76
C VAL A 52 -28.45 15.60 26.07
N CYS A 53 -29.43 15.70 25.18
CA CYS A 53 -30.66 14.92 25.28
C CYS A 53 -30.35 13.43 25.22
N ASP A 54 -30.95 12.68 26.16
CA ASP A 54 -30.82 11.22 26.21
C ASP A 54 -31.23 10.53 24.91
N ARG A 55 -32.23 11.07 24.23
CA ARG A 55 -32.74 10.47 23.00
CA ARG A 55 -32.76 10.47 23.00
C ARG A 55 -31.97 10.93 21.76
N CYS A 56 -31.99 12.21 21.46
CA CYS A 56 -31.45 12.70 20.16
C CYS A 56 -29.99 13.12 20.22
N LEU A 57 -29.41 13.17 21.42
CA LEU A 57 -27.98 13.45 21.64
C LEU A 57 -27.59 14.85 21.19
N LEU A 58 -28.55 15.77 21.23
CA LEU A 58 -28.31 17.21 20.98
C LEU A 58 -28.17 18.01 22.26
N GLY A 59 -27.24 18.98 22.22
CA GLY A 59 -27.07 19.88 23.35
C GLY A 59 -28.15 20.96 23.38
N LYS A 60 -28.62 21.25 24.59
CA LYS A 60 -29.56 22.35 24.81
C LYS A 60 -29.20 22.98 26.15
N GLU A 61 -29.39 24.30 26.24
CA GLU A 61 -29.12 24.94 27.53
C GLU A 61 -30.07 24.45 28.60
N LYS A 62 -31.32 24.15 28.24
CA LYS A 62 -32.35 23.68 29.16
C LYS A 62 -32.77 22.27 28.75
N LEU A 63 -32.54 21.31 29.63
CA LEU A 63 -33.03 19.95 29.46
C LEU A 63 -33.99 19.68 30.59
N MET A 64 -34.96 18.81 30.35
CA MET A 64 -35.92 18.46 31.38
C MET A 64 -35.70 17.04 31.84
N ARG A 65 -35.75 16.82 33.15
CA ARG A 65 -35.46 15.51 33.75
C ARG A 65 -36.69 14.61 33.69
N CYS A 66 -36.46 13.30 33.49
CA CYS A 66 -37.47 12.31 33.84
C CYS A 66 -37.87 12.51 35.28
N SER A 67 -39.17 12.68 35.54
CA SER A 67 -39.56 12.95 36.91
C SER A 67 -39.48 11.70 37.78
N GLN A 68 -39.42 10.51 37.18
CA GLN A 68 -39.40 9.27 37.94
C GLN A 68 -38.01 8.91 38.49
N CYS A 69 -36.98 9.00 37.67
CA CYS A 69 -35.63 8.80 38.18
C CYS A 69 -34.81 10.06 38.42
N ARG A 70 -35.16 11.20 37.80
CA ARG A 70 -34.36 12.42 37.81
C ARG A 70 -32.95 12.20 37.27
N VAL A 71 -32.74 11.16 36.45
CA VAL A 71 -31.43 10.89 35.86
C VAL A 71 -31.45 11.18 34.37
N ALA A 72 -32.31 10.50 33.62
CA ALA A 72 -32.41 10.78 32.19
C ALA A 72 -32.92 12.21 31.97
N LYS A 73 -32.38 12.87 30.95
CA LYS A 73 -32.77 14.25 30.67
C LYS A 73 -33.08 14.39 29.18
N TYR A 74 -34.09 15.20 28.84
CA TYR A 74 -34.57 15.28 27.46
C TYR A 74 -34.73 16.73 27.00
N CYS A 75 -34.57 16.93 25.68
CA CYS A 75 -34.74 18.28 25.13
C CYS A 75 -36.20 18.71 25.02
N SER A 76 -37.14 17.76 25.01
CA SER A 76 -38.52 18.04 24.64
C SER A 76 -39.42 16.93 25.17
N ALA A 77 -40.71 17.25 25.30
CA ALA A 77 -41.66 16.19 25.62
C ALA A 77 -41.69 15.14 24.52
N LYS A 78 -41.45 15.54 23.26
CA LYS A 78 -41.41 14.55 22.17
C LYS A 78 -40.28 13.54 22.36
N CYS A 79 -39.05 14.02 22.65
CA CYS A 79 -37.95 13.08 22.90
C CYS A 79 -38.25 12.20 24.12
N GLN A 80 -38.80 12.79 25.18
CA GLN A 80 -39.10 12.01 26.39
C GLN A 80 -40.06 10.86 26.09
N LYS A 81 -41.12 11.15 25.33
CA LYS A 81 -42.11 10.11 25.02
C LYS A 81 -41.54 9.06 24.07
N LYS A 82 -40.79 9.49 23.03
CA LYS A 82 -40.21 8.49 22.13
C LYS A 82 -39.13 7.63 22.82
N ALA A 83 -38.46 8.16 23.84
CA ALA A 83 -37.45 7.40 24.57
C ALA A 83 -38.03 6.46 25.60
N TRP A 84 -39.32 6.54 25.88
CA TRP A 84 -39.87 5.78 27.00
C TRP A 84 -39.71 4.26 26.86
N PRO A 85 -40.00 3.64 25.71
CA PRO A 85 -39.79 2.18 25.62
C PRO A 85 -38.38 1.75 25.95
N ASP A 86 -37.37 2.51 25.51
CA ASP A 86 -35.98 2.18 25.83
C ASP A 86 -35.63 2.53 27.28
N HIS A 87 -36.29 3.52 27.86
CA HIS A 87 -35.96 3.96 29.21
C HIS A 87 -36.76 3.26 30.28
N LYS A 88 -37.88 2.64 29.92
CA LYS A 88 -38.84 2.18 30.94
C LYS A 88 -38.19 1.19 31.92
N ARG A 89 -37.42 0.22 31.41
CA ARG A 89 -36.88 -0.80 32.31
C ARG A 89 -35.59 -0.35 33.01
N GLU A 90 -34.93 0.72 32.57
CA GLU A 90 -33.77 1.17 33.32
C GLU A 90 -34.09 2.29 34.31
N CYS A 91 -35.29 2.89 34.21
CA CYS A 91 -35.62 4.05 35.05
C CYS A 91 -35.46 3.72 36.53
N LYS A 92 -36.07 2.62 36.99
CA LYS A 92 -35.97 2.26 38.41
C LYS A 92 -34.54 1.97 38.82
N CYS A 93 -33.75 1.39 37.92
CA CYS A 93 -32.36 1.08 38.23
C CYS A 93 -31.51 2.33 38.40
N LEU A 94 -31.68 3.29 37.49
CA LEU A 94 -30.94 4.54 37.61
C LEU A 94 -31.33 5.27 38.91
N LYS A 95 -32.62 5.20 39.27
CA LYS A 95 -33.09 5.87 40.47
C LYS A 95 -32.45 5.29 41.73
N SER A 96 -32.33 3.97 41.79
CA SER A 96 -31.78 3.33 42.99
CA SER A 96 -31.78 3.32 42.98
C SER A 96 -30.41 3.87 43.33
N CYS A 97 -29.53 3.99 42.34
CA CYS A 97 -28.14 4.30 42.65
C CYS A 97 -27.79 5.78 42.64
N LYS A 98 -28.70 6.69 42.28
CA LYS A 98 -28.37 8.12 42.27
C LYS A 98 -27.81 8.60 43.63
N PRO A 99 -26.69 9.37 43.65
CA PRO A 99 -25.74 9.95 42.67
C PRO A 99 -24.78 8.96 41.97
N ARG A 100 -24.59 7.76 42.52
CA ARG A 100 -23.75 6.75 41.88
C ARG A 100 -24.38 6.32 40.55
N TYR A 101 -23.55 6.07 39.55
CA TYR A 101 -24.03 5.88 38.22
C TYR A 101 -23.22 4.77 37.55
N PRO A 102 -23.87 3.89 36.77
CA PRO A 102 -23.16 2.72 36.27
C PRO A 102 -22.19 3.11 35.16
N PRO A 103 -21.14 2.32 34.96
CA PRO A 103 -20.29 2.54 33.78
C PRO A 103 -21.13 2.51 32.51
N ASP A 104 -20.70 3.25 31.49
CA ASP A 104 -21.47 3.28 30.24
C ASP A 104 -21.72 1.88 29.69
N SER A 105 -20.74 0.98 29.78
CA SER A 105 -20.97 -0.36 29.22
C SER A 105 -22.11 -1.11 29.92
N VAL A 106 -22.29 -0.86 31.23
CA VAL A 106 -23.34 -1.52 31.99
C VAL A 106 -24.70 -0.97 31.59
N ARG A 107 -24.79 0.35 31.47
CA ARG A 107 -26.05 0.95 31.07
C ARG A 107 -26.42 0.49 29.65
N LEU A 108 -25.43 0.44 28.77
CA LEU A 108 -25.67 -0.02 27.40
C LEU A 108 -26.17 -1.45 27.40
N LEU A 109 -25.47 -2.34 28.11
CA LEU A 109 -25.90 -3.73 28.09
C LEU A 109 -27.26 -3.92 28.75
N GLY A 110 -27.59 -3.10 29.76
CA GLY A 110 -28.96 -3.14 30.30
C GLY A 110 -30.03 -2.85 29.28
N ARG A 111 -29.75 -1.97 28.30
CA ARG A 111 -30.70 -1.74 27.24
C ARG A 111 -30.68 -2.87 26.21
N VAL A 112 -29.50 -3.43 25.91
CA VAL A 112 -29.40 -4.51 24.92
C VAL A 112 -30.27 -5.71 25.33
N VAL A 113 -30.21 -6.13 26.60
CA VAL A 113 -30.82 -7.44 26.94
C VAL A 113 -32.31 -7.44 26.67
N PHE A 114 -33.01 -6.34 26.93
CA PHE A 114 -34.42 -6.31 26.65
C PHE A 114 -34.73 -6.22 25.17
N LYS A 115 -33.83 -5.61 24.36
CA LYS A 115 -34.03 -5.64 22.92
C LYS A 115 -33.94 -7.05 22.36
N LEU A 116 -33.06 -7.88 22.94
CA LEU A 116 -32.90 -9.23 22.45
C LEU A 116 -34.16 -10.05 22.63
N MET A 117 -35.07 -9.65 23.53
CA MET A 117 -36.28 -10.41 23.71
C MET A 117 -37.40 -9.95 22.79
N ASP A 118 -37.13 -9.00 21.88
CA ASP A 118 -38.10 -8.67 20.84
C ASP A 118 -38.18 -9.79 19.81
N GLY A 119 -39.41 -10.17 19.44
CA GLY A 119 -39.60 -11.12 18.36
C GLY A 119 -39.41 -10.54 16.97
N ALA A 120 -39.64 -9.24 16.79
CA ALA A 120 -39.44 -8.63 15.48
C ALA A 120 -37.95 -8.56 15.16
N PRO A 121 -37.55 -8.87 13.92
CA PRO A 121 -36.14 -8.68 13.54
C PRO A 121 -35.72 -7.22 13.63
N SER A 122 -34.54 -6.99 14.19
CA SER A 122 -34.01 -5.63 14.28
C SER A 122 -33.28 -5.32 12.99
N GLU A 123 -33.65 -4.20 12.35
CA GLU A 123 -32.94 -3.81 11.13
C GLU A 123 -31.44 -3.64 11.36
N SER A 124 -31.03 -3.29 12.58
CA SER A 124 -29.60 -3.14 12.88
C SER A 124 -28.84 -4.46 12.82
N GLU A 125 -29.54 -5.57 12.89
CA GLU A 125 -28.96 -6.91 12.87
C GLU A 125 -29.07 -7.61 11.50
N LYS A 126 -29.47 -6.89 10.46
CA LYS A 126 -29.73 -7.50 9.16
C LYS A 126 -28.56 -8.37 8.67
N LEU A 127 -27.34 -7.83 8.70
CA LEU A 127 -26.16 -8.59 8.24
C LEU A 127 -25.55 -9.52 9.30
N TYR A 128 -25.64 -9.13 10.58
CA TYR A 128 -24.92 -9.80 11.66
C TYR A 128 -25.71 -9.50 12.92
N SER A 129 -25.77 -10.44 13.86
CA SER A 129 -26.61 -10.22 15.04
C SER A 129 -25.74 -10.02 16.26
N PHE A 130 -26.39 -9.68 17.37
CA PHE A 130 -25.68 -9.60 18.63
C PHE A 130 -25.00 -10.92 18.96
N TYR A 131 -25.67 -12.05 18.71
CA TYR A 131 -25.09 -13.35 19.07
C TYR A 131 -23.95 -13.73 18.12
N ASP A 132 -23.90 -13.13 16.93
CA ASP A 132 -22.76 -13.34 16.04
C ASP A 132 -21.50 -12.60 16.47
N LEU A 133 -21.63 -11.56 17.31
CA LEU A 133 -20.51 -10.65 17.54
C LEU A 133 -19.32 -11.37 18.14
N GLU A 134 -18.13 -10.96 17.68
CA GLU A 134 -16.87 -11.49 18.19
C GLU A 134 -16.64 -11.09 19.64
N SER A 135 -16.35 -12.08 20.50
CA SER A 135 -16.00 -11.79 21.90
C SER A 135 -14.51 -11.87 22.22
N ASN A 136 -13.71 -12.50 21.36
CA ASN A 136 -12.29 -12.78 21.63
C ASN A 136 -12.08 -13.49 22.97
N ILE A 137 -13.06 -14.29 23.43
CA ILE A 137 -12.97 -14.81 24.80
C ILE A 137 -11.72 -15.67 25.00
N ASN A 138 -11.26 -16.38 23.97
CA ASN A 138 -10.10 -17.20 24.21
C ASN A 138 -8.78 -16.45 24.08
N LYS A 139 -8.79 -15.19 23.66
CA LYS A 139 -7.58 -14.37 23.54
C LYS A 139 -7.38 -13.36 24.68
N LEU A 140 -8.35 -13.24 25.58
CA LEU A 140 -8.31 -12.19 26.60
C LEU A 140 -7.24 -12.47 27.63
N THR A 141 -6.56 -11.41 28.06
CA THR A 141 -5.57 -11.53 29.13
C THR A 141 -6.26 -11.71 30.47
N GLU A 142 -5.50 -12.20 31.46
CA GLU A 142 -6.11 -12.40 32.78
C GLU A 142 -6.61 -11.09 33.39
N ASP A 143 -5.86 -9.99 33.22
CA ASP A 143 -6.34 -8.72 33.76
C ASP A 143 -7.63 -8.27 33.08
N LYS A 144 -7.77 -8.52 31.78
CA LYS A 144 -9.01 -8.19 31.10
C LYS A 144 -10.18 -9.05 31.58
N LYS A 145 -9.94 -10.35 31.79
CA LYS A 145 -11.03 -11.20 32.28
C LYS A 145 -11.46 -10.77 33.68
N GLU A 146 -10.53 -10.33 34.52
CA GLU A 146 -10.89 -9.84 35.84
C GLU A 146 -11.73 -8.57 35.74
N GLY A 147 -11.39 -7.68 34.81
CA GLY A 147 -12.21 -6.49 34.63
C GLY A 147 -13.60 -6.84 34.16
N LEU A 148 -13.71 -7.83 33.26
CA LEU A 148 -15.05 -8.24 32.82
C LEU A 148 -15.85 -8.85 33.96
N ARG A 149 -15.20 -9.65 34.81
CA ARG A 149 -15.91 -10.21 35.96
C ARG A 149 -16.43 -9.09 36.88
N GLN A 150 -15.68 -7.99 36.97
CA GLN A 150 -16.15 -6.86 37.78
C GLN A 150 -17.37 -6.17 37.15
N LEU A 151 -17.39 -6.02 35.81
CA LEU A 151 -18.55 -5.47 35.11
C LEU A 151 -19.77 -6.37 35.26
N VAL A 152 -19.58 -7.69 35.22
CA VAL A 152 -20.69 -8.60 35.49
C VAL A 152 -21.30 -8.34 36.86
N MET A 153 -20.46 -8.21 37.88
CA MET A 153 -21.03 -8.00 39.22
C MET A 153 -21.72 -6.66 39.32
N THR A 154 -21.16 -5.65 38.66
CA THR A 154 -21.79 -4.32 38.64
C THR A 154 -23.14 -4.35 37.94
N PHE A 155 -23.23 -5.05 36.81
CA PHE A 155 -24.51 -5.23 36.13
C PHE A 155 -25.53 -5.95 37.01
N GLN A 156 -25.12 -7.04 37.65
CA GLN A 156 -26.06 -7.76 38.47
C GLN A 156 -26.61 -6.86 39.59
N HIS A 157 -25.77 -5.99 40.14
CA HIS A 157 -26.27 -5.09 41.18
C HIS A 157 -27.14 -3.98 40.59
N PHE A 158 -26.67 -3.37 39.50
CA PHE A 158 -27.40 -2.25 38.90
C PHE A 158 -28.79 -2.65 38.47
N MET A 159 -28.94 -3.85 37.92
CA MET A 159 -30.18 -4.35 37.31
C MET A 159 -31.11 -5.08 38.26
N ARG A 160 -30.78 -5.15 39.54
CA ARG A 160 -31.46 -6.07 40.44
C ARG A 160 -32.96 -5.80 40.60
N GLU A 161 -33.44 -4.57 40.38
CA GLU A 161 -34.88 -4.37 40.52
C GLU A 161 -35.64 -5.07 39.39
N GLU A 162 -35.07 -5.09 38.19
CA GLU A 162 -35.64 -5.68 36.98
C GLU A 162 -35.31 -7.16 36.74
N ILE A 163 -34.06 -7.57 36.98
CA ILE A 163 -33.56 -8.90 36.64
C ILE A 163 -32.81 -9.44 37.85
N GLN A 164 -33.29 -10.54 38.45
CA GLN A 164 -32.53 -11.17 39.53
C GLN A 164 -31.78 -12.46 39.16
N ASP A 165 -31.98 -13.03 37.96
CA ASP A 165 -31.41 -14.35 37.71
C ASP A 165 -31.28 -14.52 36.21
N ALA A 166 -30.36 -15.41 35.80
CA ALA A 166 -30.17 -15.69 34.38
C ALA A 166 -31.40 -16.31 33.72
N SER A 167 -32.27 -16.94 34.49
CA SER A 167 -33.45 -17.52 33.88
C SER A 167 -34.43 -16.47 33.37
N GLN A 168 -34.19 -15.19 33.70
CA GLN A 168 -35.07 -14.13 33.20
C GLN A 168 -34.57 -13.51 31.92
N LEU A 169 -33.44 -14.00 31.39
CA LEU A 169 -32.87 -13.54 30.14
C LEU A 169 -32.77 -14.74 29.18
N PRO A 170 -32.59 -14.53 27.88
CA PRO A 170 -32.54 -15.68 26.96
C PRO A 170 -31.42 -16.64 27.34
N PRO A 171 -31.63 -17.94 27.18
CA PRO A 171 -30.62 -18.90 27.63
C PRO A 171 -29.34 -18.83 26.82
N ALA A 172 -29.41 -18.39 25.57
CA ALA A 172 -28.20 -18.24 24.77
C ALA A 172 -27.36 -17.04 25.20
N PHE A 173 -27.93 -16.12 25.97
CA PHE A 173 -27.23 -14.96 26.45
C PHE A 173 -26.36 -15.37 27.62
N ASP A 174 -25.12 -14.92 27.63
CA ASP A 174 -24.19 -15.16 28.73
C ASP A 174 -23.62 -13.82 29.11
N LEU A 175 -23.71 -13.45 30.39
CA LEU A 175 -23.40 -12.08 30.75
C LEU A 175 -21.91 -11.76 30.58
N PHE A 176 -21.02 -12.67 30.98
CA PHE A 176 -19.59 -12.45 30.80
C PHE A 176 -19.24 -12.27 29.33
N GLU A 177 -19.73 -13.19 28.49
CA GLU A 177 -19.44 -13.09 27.07
C GLU A 177 -20.09 -11.86 26.46
N ALA A 178 -21.26 -11.44 26.97
CA ALA A 178 -21.87 -10.21 26.48
C ALA A 178 -20.98 -9.00 26.72
N PHE A 179 -20.37 -8.89 27.91
CA PHE A 179 -19.50 -7.74 28.10
C PHE A 179 -18.28 -7.80 27.19
N ALA A 180 -17.70 -8.99 27.00
CA ALA A 180 -16.61 -9.13 26.04
C ALA A 180 -17.02 -8.66 24.65
N LYS A 181 -18.25 -8.98 24.23
CA LYS A 181 -18.72 -8.50 22.93
C LYS A 181 -18.86 -7.00 22.96
N VAL A 182 -19.44 -6.45 24.04
CA VAL A 182 -19.67 -5.00 24.10
C VAL A 182 -18.33 -4.26 23.97
N ILE A 183 -17.28 -4.78 24.62
CA ILE A 183 -15.98 -4.12 24.67
C ILE A 183 -15.34 -4.04 23.28
N CYS A 184 -15.44 -5.09 22.47
CA CYS A 184 -14.77 -4.94 21.18
CA CYS A 184 -14.78 -5.05 21.17
C CYS A 184 -15.71 -4.61 20.04
N ASN A 185 -17.02 -4.53 20.25
CA ASN A 185 -17.95 -4.13 19.19
C ASN A 185 -18.67 -2.80 19.36
N SER A 186 -18.54 -2.11 20.48
CA SER A 186 -19.26 -0.84 20.58
C SER A 186 -18.65 0.24 19.69
N PHE A 187 -19.49 1.22 19.33
CA PHE A 187 -19.08 2.41 18.57
C PHE A 187 -19.28 3.65 19.42
N THR A 188 -18.27 4.55 19.41
CA THR A 188 -18.44 5.88 19.98
C THR A 188 -19.29 6.71 19.05
N ILE A 189 -20.34 7.33 19.57
CA ILE A 189 -21.20 8.19 18.79
C ILE A 189 -20.72 9.63 18.96
N CYS A 190 -20.41 10.29 17.86
CA CYS A 190 -20.04 11.72 17.89
C CYS A 190 -21.16 12.61 17.36
N ASN A 191 -21.28 13.82 17.90
CA ASN A 191 -22.26 14.81 17.41
C ASN A 191 -21.71 15.50 16.15
N ALA A 192 -22.46 16.48 15.65
CA ALA A 192 -22.07 17.09 14.36
C ALA A 192 -20.72 17.78 14.43
N GLU A 193 -20.35 18.26 15.61
CA GLU A 193 -19.11 18.98 15.88
C GLU A 193 -17.97 18.02 16.22
N MET A 194 -18.24 16.72 16.13
CA MET A 194 -17.31 15.61 16.43
C MET A 194 -16.94 15.52 17.90
N GLN A 195 -17.77 16.03 18.82
CA GLN A 195 -17.61 15.72 20.23
C GLN A 195 -18.23 14.36 20.52
N GLU A 196 -17.58 13.56 21.39
CA GLU A 196 -18.14 12.24 21.77
C GLU A 196 -19.32 12.47 22.71
N VAL A 197 -20.50 12.04 22.29
CA VAL A 197 -21.70 12.15 23.10
C VAL A 197 -22.33 10.84 23.55
N GLY A 198 -21.90 9.69 23.03
CA GLY A 198 -22.70 8.49 23.30
C GLY A 198 -21.93 7.24 22.92
N VAL A 199 -22.56 6.08 23.15
CA VAL A 199 -21.98 4.80 22.75
C VAL A 199 -23.13 3.88 22.35
N GLY A 200 -22.91 3.06 21.31
CA GLY A 200 -24.00 2.19 20.87
C GLY A 200 -23.49 0.91 20.23
N LEU A 201 -24.36 -0.06 20.12
CA LEU A 201 -24.07 -1.30 19.40
C LEU A 201 -24.79 -1.26 18.06
N TYR A 202 -24.06 -1.54 16.99
CA TYR A 202 -24.60 -1.56 15.64
C TYR A 202 -24.12 -2.87 15.01
N PRO A 203 -24.80 -3.99 15.27
CA PRO A 203 -24.14 -5.29 14.98
C PRO A 203 -23.77 -5.52 13.51
N SER A 204 -24.62 -5.12 12.55
CA SER A 204 -24.24 -5.29 11.13
C SER A 204 -22.96 -4.50 10.79
N ILE A 205 -22.80 -3.30 11.38
CA ILE A 205 -21.61 -2.49 11.10
C ILE A 205 -20.39 -3.09 11.79
N SER A 206 -20.60 -3.91 12.84
CA SER A 206 -19.46 -4.54 13.51
C SER A 206 -18.76 -5.56 12.66
N LEU A 207 -19.35 -5.96 11.53
CA LEU A 207 -18.65 -6.85 10.60
C LEU A 207 -17.40 -6.21 10.01
N LEU A 208 -17.28 -4.86 9.94
CA LEU A 208 -16.12 -4.28 9.28
C LEU A 208 -14.83 -4.47 10.11
N ASN A 209 -13.84 -5.07 9.49
CA ASN A 209 -12.51 -5.15 10.08
C ASN A 209 -11.79 -3.79 10.00
N HIS A 210 -10.72 -3.69 10.76
CA HIS A 210 -9.95 -2.45 10.92
C HIS A 210 -8.77 -2.32 9.94
N SER A 211 -8.55 -1.09 9.47
CA SER A 211 -7.31 -0.70 8.83
C SER A 211 -6.97 0.71 9.30
N CYS A 212 -5.68 0.98 9.49
CA CYS A 212 -5.25 2.37 9.69
C CYS A 212 -5.24 3.19 8.39
N ASP A 213 -5.54 2.58 7.22
CA ASP A 213 -5.76 3.30 5.94
C ASP A 213 -7.03 2.72 5.29
N PRO A 214 -8.19 3.02 5.86
CA PRO A 214 -9.43 2.31 5.48
C PRO A 214 -10.02 2.81 4.18
N ASN A 215 -10.86 1.97 3.55
CA ASN A 215 -11.56 2.43 2.35
C ASN A 215 -12.98 2.89 2.62
N CYS A 216 -13.47 2.79 3.86
CA CYS A 216 -14.80 3.27 4.23
C CYS A 216 -14.70 4.14 5.48
N SER A 217 -15.77 4.90 5.72
CA SER A 217 -15.83 5.77 6.88
C SER A 217 -17.26 5.81 7.40
N ILE A 218 -17.38 5.97 8.72
CA ILE A 218 -18.68 6.07 9.38
CA ILE A 218 -18.72 6.09 9.31
C ILE A 218 -18.85 7.50 9.87
N VAL A 219 -20.09 8.01 9.81
CA VAL A 219 -20.43 9.29 10.42
C VAL A 219 -21.76 9.11 11.11
N PHE A 220 -21.97 9.88 12.17
CA PHE A 220 -23.23 9.85 12.92
C PHE A 220 -24.05 11.11 12.70
N ASN A 221 -25.31 10.91 12.50
CA ASN A 221 -26.32 11.97 12.59
C ASN A 221 -27.25 11.64 13.78
N GLY A 222 -27.05 12.32 14.90
CA GLY A 222 -27.60 11.77 16.14
C GLY A 222 -27.17 10.32 16.31
N PRO A 223 -28.07 9.45 16.80
CA PRO A 223 -27.77 8.00 16.92
C PRO A 223 -27.65 7.28 15.60
N HIS A 224 -28.05 7.91 14.49
CA HIS A 224 -28.09 7.19 13.23
C HIS A 224 -26.72 7.14 12.57
N LEU A 225 -26.34 5.97 12.07
CA LEU A 225 -25.02 5.73 11.52
C LEU A 225 -25.10 5.59 10.00
N LEU A 226 -24.22 6.30 9.30
CA LEU A 226 -24.06 6.17 7.84
C LEU A 226 -22.68 5.61 7.54
N LEU A 227 -22.62 4.57 6.69
CA LEU A 227 -21.35 3.97 6.25
C LEU A 227 -21.15 4.33 4.79
N ARG A 228 -20.01 4.96 4.45
CA ARG A 228 -19.77 5.43 3.08
C ARG A 228 -18.40 4.96 2.59
N ALA A 229 -18.31 4.65 1.29
CA ALA A 229 -16.96 4.51 0.71
C ALA A 229 -16.23 5.84 0.61
N VAL A 230 -14.94 5.88 0.99
CA VAL A 230 -14.13 7.09 0.85
C VAL A 230 -13.10 7.01 -0.28
N ARG A 231 -13.09 5.92 -1.02
CA ARG A 231 -12.16 5.66 -2.11
C ARG A 231 -12.89 4.79 -3.11
N ASP A 232 -12.35 4.68 -4.34
CA ASP A 232 -12.87 3.63 -5.22
C ASP A 232 -12.54 2.27 -4.65
N ILE A 233 -13.47 1.34 -4.81
CA ILE A 233 -13.40 -0.01 -4.24
C ILE A 233 -13.85 -1.00 -5.31
N GLU A 234 -13.03 -2.02 -5.57
CA GLU A 234 -13.32 -3.02 -6.57
C GLU A 234 -14.30 -4.08 -6.06
N VAL A 235 -14.98 -4.74 -7.02
CA VAL A 235 -15.83 -5.87 -6.66
C VAL A 235 -15.01 -6.88 -5.86
N GLY A 236 -15.61 -7.40 -4.79
CA GLY A 236 -14.97 -8.38 -3.95
C GLY A 236 -13.96 -7.84 -2.95
N GLU A 237 -13.63 -6.55 -2.99
CA GLU A 237 -12.63 -6.00 -2.08
C GLU A 237 -13.21 -5.91 -0.66
N GLU A 238 -12.42 -6.27 0.34
CA GLU A 238 -12.89 -6.16 1.72
C GLU A 238 -13.05 -4.70 2.12
N LEU A 239 -14.15 -4.40 2.82
CA LEU A 239 -14.42 -3.05 3.31
C LEU A 239 -13.86 -2.89 4.73
N THR A 240 -13.18 -1.76 4.98
CA THR A 240 -12.56 -1.58 6.28
C THR A 240 -12.86 -0.18 6.81
N ILE A 241 -12.80 -0.03 8.13
CA ILE A 241 -12.87 1.29 8.77
C ILE A 241 -11.70 1.40 9.72
N CYS A 242 -11.41 2.62 10.20
CA CYS A 242 -10.38 2.80 11.21
C CYS A 242 -11.05 2.85 12.58
N TYR A 243 -10.68 1.92 13.48
CA TYR A 243 -11.27 1.87 14.83
C TYR A 243 -10.73 2.98 15.72
N LEU A 244 -9.69 3.66 15.29
CA LEU A 244 -8.88 4.55 16.12
C LEU A 244 -8.88 6.00 15.66
N ASP A 245 -8.56 6.86 16.63
CA ASP A 245 -8.15 8.24 16.36
C ASP A 245 -6.94 8.30 15.43
N MET A 246 -6.97 9.24 14.47
CA MET A 246 -5.86 9.31 13.53
C MET A 246 -4.62 9.94 14.14
N LEU A 247 -4.73 10.69 15.25
CA LEU A 247 -3.53 11.31 15.73
C LEU A 247 -2.99 10.39 16.84
N MET A 248 -2.28 9.36 16.35
CA MET A 248 -1.65 8.27 17.16
C MET A 248 -0.49 7.73 16.37
N THR A 249 0.62 7.47 17.04
CA THR A 249 1.75 6.88 16.32
C THR A 249 1.48 5.40 16.10
N SER A 250 2.32 4.74 15.30
CA SER A 250 2.08 3.33 15.02
C SER A 250 2.22 2.48 16.30
N GLU A 251 3.16 2.83 17.18
CA GLU A 251 3.26 2.11 18.44
C GLU A 251 2.03 2.29 19.30
N GLU A 252 1.50 3.53 19.38
CA GLU A 252 0.26 3.76 20.13
C GLU A 252 -0.90 2.99 19.54
N ARG A 253 -1.01 3.00 18.20
CA ARG A 253 -2.11 2.29 17.56
C ARG A 253 -2.01 0.79 17.83
N ARG A 254 -0.80 0.23 17.70
CA ARG A 254 -0.67 -1.20 17.89
C ARG A 254 -1.01 -1.57 19.32
N LYS A 255 -0.62 -0.73 20.28
CA LYS A 255 -0.92 -1.05 21.67
C LYS A 255 -2.44 -1.06 21.92
N GLN A 256 -3.16 -0.05 21.43
CA GLN A 256 -4.61 -0.02 21.64
C GLN A 256 -5.32 -1.18 20.94
N LEU A 257 -4.92 -1.51 19.72
CA LEU A 257 -5.56 -2.59 18.99
C LEU A 257 -5.26 -3.93 19.65
N ARG A 258 -4.05 -4.12 20.20
CA ARG A 258 -3.74 -5.37 20.89
C ARG A 258 -4.55 -5.45 22.18
N ASP A 259 -4.59 -4.36 22.94
CA ASP A 259 -5.22 -4.43 24.25
C ASP A 259 -6.74 -4.55 24.15
N GLN A 260 -7.37 -3.78 23.28
CA GLN A 260 -8.84 -3.77 23.18
C GLN A 260 -9.41 -4.84 22.25
N TYR A 261 -8.80 -5.03 21.10
CA TYR A 261 -9.31 -5.86 20.00
C TYR A 261 -8.56 -7.15 19.78
N CYS A 262 -7.49 -7.37 20.54
CA CYS A 262 -6.78 -8.67 20.51
C CYS A 262 -6.25 -9.04 19.14
N PHE A 263 -5.64 -8.08 18.45
CA PHE A 263 -4.87 -8.44 17.27
C PHE A 263 -3.69 -7.50 17.15
N GLU A 264 -2.72 -7.94 16.33
CA GLU A 264 -1.53 -7.16 16.01
C GLU A 264 -1.73 -6.57 14.63
N CYS A 265 -1.74 -5.24 14.53
CA CYS A 265 -2.06 -4.63 13.23
C CYS A 265 -0.83 -4.69 12.35
N ASP A 266 -0.98 -5.38 11.24
CA ASP A 266 0.02 -5.52 10.19
C ASP A 266 -0.26 -4.67 8.97
N CYS A 267 -1.13 -3.66 9.05
CA CYS A 267 -1.41 -2.82 7.88
C CYS A 267 -0.18 -2.03 7.38
N PHE A 268 -0.27 -1.51 6.15
CA PHE A 268 0.90 -0.87 5.56
C PHE A 268 1.46 0.24 6.45
N ARG A 269 0.60 1.07 7.01
CA ARG A 269 1.08 2.18 7.82
C ARG A 269 1.75 1.69 9.12
N CYS A 270 1.22 0.64 9.76
CA CYS A 270 1.88 0.17 10.98
C CYS A 270 3.22 -0.48 10.68
N GLN A 271 3.31 -1.22 9.56
CA GLN A 271 4.56 -1.89 9.25
C GLN A 271 5.65 -0.92 8.84
N THR A 272 5.29 0.22 8.25
CA THR A 272 6.26 1.18 7.74
C THR A 272 6.45 2.42 8.62
N GLN A 273 5.76 2.49 9.77
CA GLN A 273 5.85 3.67 10.67
C GLN A 273 5.42 4.94 9.96
N ASP A 274 4.41 4.81 9.11
CA ASP A 274 4.04 5.91 8.20
C ASP A 274 3.58 7.14 9.00
N LYS A 275 4.26 8.29 8.79
CA LYS A 275 3.99 9.60 9.45
C LYS A 275 4.50 9.68 10.90
N ASP A 276 5.10 8.63 11.49
CA ASP A 276 5.49 8.71 12.90
C ASP A 276 6.44 9.88 13.14
N ALA A 277 7.40 10.09 12.23
CA ALA A 277 8.41 11.12 12.43
C ALA A 277 7.78 12.50 12.48
N ASP A 278 6.82 12.75 11.57
CA ASP A 278 6.11 14.03 11.61
C ASP A 278 5.30 14.17 12.89
N MET A 279 4.61 13.11 13.31
CA MET A 279 3.77 13.19 14.50
C MET A 279 4.59 13.59 15.74
N LEU A 280 5.83 13.09 15.82
CA LEU A 280 6.70 13.29 16.98
C LEU A 280 7.67 14.44 16.80
N THR A 281 7.46 15.32 15.82
CA THR A 281 8.36 16.47 15.60
C THR A 281 8.63 17.21 16.91
N GLY A 282 9.91 17.54 17.15
CA GLY A 282 10.33 18.28 18.33
C GLY A 282 10.99 17.39 19.37
N ASP A 283 11.39 18.01 20.48
CA ASP A 283 12.16 17.34 21.53
C ASP A 283 11.25 16.55 22.47
N GLU A 284 11.55 15.27 22.66
CA GLU A 284 10.68 14.45 23.51
C GLU A 284 10.56 14.99 24.93
N GLN A 285 11.64 15.56 25.48
CA GLN A 285 11.53 16.11 26.83
C GLN A 285 10.45 17.18 26.88
N VAL A 286 10.25 17.90 25.76
CA VAL A 286 9.22 18.93 25.66
C VAL A 286 7.84 18.34 25.38
N TRP A 287 7.74 17.48 24.37
CA TRP A 287 6.40 17.05 24.05
C TRP A 287 5.87 15.98 25.00
N LYS A 288 6.74 15.27 25.74
CA LYS A 288 6.18 14.31 26.70
C LYS A 288 5.36 15.02 27.77
N GLU A 289 5.74 16.24 28.14
CA GLU A 289 4.99 17.02 29.11
C GLU A 289 3.60 17.37 28.59
N VAL A 290 3.50 17.66 27.28
CA VAL A 290 2.21 17.98 26.69
C VAL A 290 1.31 16.75 26.69
N GLN A 291 1.89 15.63 26.27
CA GLN A 291 1.16 14.36 26.27
C GLN A 291 0.57 14.08 27.64
N GLU A 292 1.36 14.31 28.69
CA GLU A 292 0.88 14.01 30.03
C GLU A 292 -0.26 14.95 30.41
N SER A 293 -0.11 16.25 30.08
CA SER A 293 -1.15 17.23 30.42
C SER A 293 -2.46 16.93 29.70
N LEU A 294 -2.36 16.32 28.51
CA LEU A 294 -3.53 16.03 27.73
C LEU A 294 -4.48 15.06 28.42
N LYS A 295 -3.96 14.24 29.34
CA LYS A 295 -4.86 13.32 30.03
C LYS A 295 -5.95 14.09 30.77
N LYS A 296 -5.56 15.14 31.51
CA LYS A 296 -6.55 15.92 32.23
C LYS A 296 -7.39 16.76 31.28
N ILE A 297 -6.75 17.35 30.26
CA ILE A 297 -7.49 18.17 29.29
C ILE A 297 -8.60 17.36 28.64
N GLU A 298 -8.29 16.14 28.17
CA GLU A 298 -9.29 15.36 27.46
C GLU A 298 -10.42 14.92 28.39
N GLU A 299 -10.12 14.68 29.66
CA GLU A 299 -11.18 14.40 30.64
C GLU A 299 -12.07 15.61 30.87
N LEU A 300 -11.48 16.81 30.99
CA LEU A 300 -12.32 18.00 31.15
C LEU A 300 -13.17 18.22 29.91
N LYS A 301 -12.59 18.06 28.70
CA LYS A 301 -13.35 18.24 27.47
C LYS A 301 -14.52 17.25 27.40
N ALA A 302 -14.30 16.01 27.85
CA ALA A 302 -15.36 15.01 27.82
C ALA A 302 -16.57 15.43 28.64
N HIS A 303 -16.36 16.18 29.73
CA HIS A 303 -17.40 16.69 30.61
C HIS A 303 -17.83 18.11 30.22
N TRP A 304 -17.38 18.60 29.07
CA TRP A 304 -17.79 19.90 28.54
C TRP A 304 -17.38 21.06 29.44
N LYS A 305 -16.24 20.96 30.12
CA LYS A 305 -15.86 22.06 31.00
C LYS A 305 -14.91 22.91 30.17
N TRP A 306 -15.48 23.91 29.51
CA TRP A 306 -14.72 24.56 28.45
C TRP A 306 -13.78 25.59 29.03
N GLU A 307 -14.23 26.35 30.05
CA GLU A 307 -13.35 27.32 30.68
C GLU A 307 -12.10 26.65 31.22
N GLN A 308 -12.25 25.49 31.86
CA GLN A 308 -11.10 24.79 32.40
C GLN A 308 -10.21 24.25 31.29
N VAL A 309 -10.83 23.69 30.24
CA VAL A 309 -10.04 23.27 29.09
C VAL A 309 -9.21 24.42 28.58
N LEU A 310 -9.84 25.58 28.35
CA LEU A 310 -9.13 26.66 27.70
C LEU A 310 -7.99 27.18 28.56
N ALA A 311 -8.19 27.27 29.88
CA ALA A 311 -7.12 27.73 30.75
C ALA A 311 -5.90 26.79 30.71
N MET A 312 -6.13 25.48 30.73
CA MET A 312 -5.01 24.54 30.64
C MET A 312 -4.32 24.63 29.29
N CYS A 313 -5.10 24.76 28.22
CA CYS A 313 -4.52 24.79 26.88
C CYS A 313 -3.69 26.06 26.66
N GLN A 314 -4.17 27.21 27.11
CA GLN A 314 -3.46 28.48 26.91
C GLN A 314 -2.10 28.44 27.58
N ALA A 315 -2.03 27.85 28.77
CA ALA A 315 -0.76 27.76 29.49
C ALA A 315 0.26 26.94 28.68
N ILE A 316 -0.18 25.82 28.11
CA ILE A 316 0.70 24.99 27.30
C ILE A 316 1.11 25.71 26.01
N ILE A 317 0.12 26.30 25.32
CA ILE A 317 0.39 26.90 24.01
C ILE A 317 1.34 28.08 24.15
N SER A 318 1.17 28.92 25.16
CA SER A 318 2.09 30.05 25.29
C SER A 318 3.48 29.58 25.69
N SER A 319 3.57 28.56 26.57
CA SER A 319 4.88 28.20 27.13
C SER A 319 5.77 27.44 26.15
N ASN A 320 5.19 26.77 25.15
CA ASN A 320 5.91 25.98 24.15
C ASN A 320 6.12 26.68 22.82
N SER A 321 5.68 27.93 22.69
CA SER A 321 5.67 28.57 21.38
C SER A 321 7.05 28.67 20.76
N GLU A 322 8.09 28.70 21.56
CA GLU A 322 9.44 28.90 21.00
C GLU A 322 10.15 27.60 20.64
N ARG A 323 9.56 26.44 21.00
CA ARG A 323 10.21 25.14 21.00
C ARG A 323 9.45 24.12 20.17
N LEU A 324 8.14 24.00 20.37
CA LEU A 324 7.42 22.82 19.90
C LEU A 324 6.53 23.15 18.69
N PRO A 325 6.76 22.55 17.53
CA PRO A 325 5.89 22.84 16.36
C PRO A 325 4.47 22.32 16.49
N ASP A 326 3.58 23.00 15.77
CA ASP A 326 2.16 22.66 15.79
C ASP A 326 1.87 21.29 15.18
N ILE A 327 2.75 20.80 14.31
CA ILE A 327 2.49 19.48 13.73
C ILE A 327 2.71 18.34 14.72
N ASN A 328 3.41 18.57 15.84
CA ASN A 328 3.51 17.53 16.84
C ASN A 328 2.09 17.13 17.28
N ILE A 329 1.78 15.84 17.31
CA ILE A 329 0.36 15.47 17.53
C ILE A 329 -0.16 15.87 18.90
N TYR A 330 0.71 15.92 19.94
CA TYR A 330 0.23 16.31 21.27
C TYR A 330 -0.05 17.82 21.33
N GLN A 331 0.81 18.63 20.72
CA GLN A 331 0.54 20.07 20.62
C GLN A 331 -0.68 20.32 19.73
N LEU A 332 -0.83 19.50 18.68
CA LEU A 332 -1.99 19.65 17.79
C LEU A 332 -3.30 19.38 18.52
N LYS A 333 -3.34 18.32 19.33
CA LYS A 333 -4.53 18.04 20.11
C LYS A 333 -4.85 19.16 21.08
N VAL A 334 -3.82 19.79 21.67
CA VAL A 334 -4.06 20.91 22.56
C VAL A 334 -4.65 22.09 21.79
N LEU A 335 -4.15 22.34 20.59
CA LEU A 335 -4.73 23.43 19.79
C LEU A 335 -6.18 23.13 19.46
N ASP A 336 -6.47 21.89 19.08
CA ASP A 336 -7.85 21.55 18.77
CA ASP A 336 -7.84 21.45 18.80
C ASP A 336 -8.74 21.68 20.00
N CYS A 337 -8.28 21.26 21.19
CA CYS A 337 -9.09 21.43 22.38
C CYS A 337 -9.31 22.90 22.66
N ALA A 338 -8.26 23.70 22.48
CA ALA A 338 -8.39 25.15 22.65
C ALA A 338 -9.38 25.76 21.65
N MET A 339 -9.30 25.38 20.37
CA MET A 339 -10.25 25.90 19.39
C MET A 339 -11.70 25.59 19.80
N ASP A 340 -11.97 24.32 20.12
CA ASP A 340 -13.34 23.92 20.45
C ASP A 340 -13.80 24.60 21.74
N ALA A 341 -12.92 24.76 22.73
CA ALA A 341 -13.34 25.48 23.93
C ALA A 341 -13.75 26.90 23.59
N CYS A 342 -12.94 27.57 22.75
CA CYS A 342 -13.24 28.95 22.37
C CYS A 342 -14.53 29.06 21.58
N ILE A 343 -14.76 28.13 20.65
CA ILE A 343 -16.05 28.16 19.92
C ILE A 343 -17.20 28.04 20.92
N ASN A 344 -17.10 27.08 21.83
CA ASN A 344 -18.21 26.87 22.74
C ASN A 344 -18.39 28.05 23.71
N LEU A 345 -17.34 28.81 24.00
CA LEU A 345 -17.41 29.96 24.89
C LEU A 345 -17.69 31.28 24.16
N GLY A 346 -17.82 31.24 22.84
CA GLY A 346 -18.06 32.48 22.12
C GLY A 346 -16.85 33.35 21.94
N LEU A 347 -15.63 32.80 22.08
CA LEU A 347 -14.46 33.61 21.82
C LEU A 347 -14.06 33.22 20.42
N LEU A 348 -14.58 33.95 19.45
CA LEU A 348 -14.48 33.49 18.08
C LEU A 348 -13.18 33.91 17.42
N GLU A 349 -12.66 35.11 17.77
CA GLU A 349 -11.37 35.52 17.22
C GLU A 349 -10.27 34.60 17.73
N GLU A 350 -10.29 34.26 19.03
CA GLU A 350 -9.29 33.34 19.56
C GLU A 350 -9.46 31.95 18.96
N ALA A 351 -10.71 31.49 18.77
CA ALA A 351 -10.90 30.16 18.17
C ALA A 351 -10.27 30.08 16.79
N LEU A 352 -10.38 31.15 16.00
CA LEU A 352 -9.82 31.14 14.66
C LEU A 352 -8.31 31.11 14.71
N PHE A 353 -7.72 31.83 15.67
CA PHE A 353 -6.28 31.79 15.81
C PHE A 353 -5.77 30.34 16.00
N TYR A 354 -6.40 29.57 16.92
CA TYR A 354 -5.99 28.18 17.12
C TYR A 354 -6.39 27.31 15.94
N GLY A 355 -7.60 27.50 15.42
CA GLY A 355 -8.07 26.61 14.35
C GLY A 355 -7.27 26.71 13.06
N THR A 356 -6.86 27.93 12.68
CA THR A 356 -6.04 28.11 11.49
C THR A 356 -4.75 27.32 11.62
N ARG A 357 -4.21 27.24 12.85
CA ARG A 357 -2.94 26.54 13.04
C ARG A 357 -3.09 25.03 12.88
N THR A 358 -4.31 24.49 12.96
CA THR A 358 -4.48 23.04 12.78
C THR A 358 -4.62 22.63 11.32
N MET A 359 -4.78 23.59 10.38
CA MET A 359 -5.19 23.20 9.02
C MET A 359 -4.12 22.38 8.30
N GLU A 360 -2.86 22.84 8.28
CA GLU A 360 -1.89 22.03 7.55
C GLU A 360 -1.60 20.71 8.25
N PRO A 361 -1.42 20.63 9.58
CA PRO A 361 -1.31 19.29 10.19
C PRO A 361 -2.50 18.41 9.87
N TYR A 362 -3.72 18.94 9.87
CA TYR A 362 -4.85 18.06 9.54
C TYR A 362 -4.78 17.58 8.09
N ARG A 363 -4.30 18.41 7.16
CA ARG A 363 -4.19 17.95 5.78
C ARG A 363 -3.24 16.76 5.69
N ILE A 364 -2.18 16.77 6.51
CA ILE A 364 -1.17 15.69 6.47
C ILE A 364 -1.68 14.42 7.16
N PHE A 365 -2.33 14.54 8.33
CA PHE A 365 -2.66 13.39 9.13
C PHE A 365 -4.04 12.78 8.81
N PHE A 366 -4.89 13.47 8.04
CA PHE A 366 -6.21 12.97 7.60
C PHE A 366 -6.27 12.95 6.08
N PRO A 367 -5.47 12.11 5.44
CA PRO A 367 -5.36 12.16 3.99
C PRO A 367 -6.66 11.69 3.32
N GLY A 368 -6.83 12.11 2.07
CA GLY A 368 -8.04 11.70 1.35
C GLY A 368 -9.24 12.45 1.90
N SER A 369 -10.33 11.70 2.11
CA SER A 369 -11.57 12.26 2.64
C SER A 369 -11.84 11.65 4.01
N HIS A 370 -11.69 12.45 5.07
CA HIS A 370 -11.98 11.98 6.41
C HIS A 370 -12.96 12.95 7.05
N PRO A 371 -14.00 12.47 7.74
CA PRO A 371 -15.03 13.38 8.26
C PRO A 371 -14.50 14.32 9.30
N VAL A 372 -13.48 13.91 10.06
CA VAL A 372 -12.89 14.80 11.07
C VAL A 372 -12.24 16.00 10.40
N ARG A 373 -11.53 15.81 9.30
CA ARG A 373 -10.95 16.99 8.64
C ARG A 373 -12.06 17.84 7.99
N GLY A 374 -13.05 17.19 7.36
CA GLY A 374 -14.12 17.96 6.77
C GLY A 374 -14.77 18.94 7.75
N VAL A 375 -15.09 18.44 8.94
CA VAL A 375 -15.72 19.26 9.96
C VAL A 375 -14.78 20.33 10.47
N GLN A 376 -13.51 19.98 10.65
CA GLN A 376 -12.55 20.98 11.12
C GLN A 376 -12.40 22.13 10.14
N VAL A 377 -12.29 21.79 8.85
CA VAL A 377 -12.18 22.84 7.82
C VAL A 377 -13.45 23.68 7.77
N MET A 378 -14.62 23.04 7.91
CA MET A 378 -15.88 23.80 7.96
C MET A 378 -15.89 24.75 9.14
N LYS A 379 -15.42 24.30 10.32
CA LYS A 379 -15.41 25.20 11.48
C LYS A 379 -14.52 26.42 11.22
N VAL A 380 -13.34 26.21 10.62
CA VAL A 380 -12.45 27.33 10.33
C VAL A 380 -13.07 28.26 9.29
N GLY A 381 -13.63 27.70 8.21
CA GLY A 381 -14.31 28.57 7.23
C GLY A 381 -15.46 29.34 7.84
N LYS A 382 -16.20 28.72 8.75
CA LYS A 382 -17.30 29.46 9.38
C LYS A 382 -16.78 30.61 10.24
N LEU A 383 -15.67 30.39 10.95
CA LEU A 383 -15.07 31.47 11.75
C LEU A 383 -14.55 32.60 10.86
N GLN A 384 -13.90 32.26 9.75
CA GLN A 384 -13.42 33.28 8.83
C GLN A 384 -14.58 34.07 8.24
N LEU A 385 -15.67 33.38 7.89
CA LEU A 385 -16.82 34.08 7.30
C LEU A 385 -17.38 35.13 8.26
N HIS A 386 -17.56 34.75 9.51
CA HIS A 386 -18.16 35.67 10.46
C HIS A 386 -17.19 36.76 10.92
N GLN A 387 -15.88 36.55 10.79
CA GLN A 387 -14.91 37.62 11.01
C GLN A 387 -14.62 38.44 9.74
N GLY A 388 -15.35 38.19 8.68
CA GLY A 388 -15.27 39.02 7.50
C GLY A 388 -14.10 38.75 6.60
N MET A 389 -13.45 37.57 6.68
CA MET A 389 -12.40 37.26 5.71
C MET A 389 -13.05 36.35 4.67
N PHE A 390 -13.61 36.97 3.62
CA PHE A 390 -14.46 36.19 2.72
C PHE A 390 -13.69 35.29 1.76
N PRO A 391 -12.65 35.77 1.07
CA PRO A 391 -11.94 34.87 0.15
C PRO A 391 -11.35 33.66 0.86
N GLN A 392 -10.78 33.86 2.05
CA GLN A 392 -10.25 32.72 2.81
C GLN A 392 -11.36 31.77 3.23
N ALA A 393 -12.47 32.32 3.75
CA ALA A 393 -13.59 31.48 4.16
C ALA A 393 -14.15 30.72 2.97
N MET A 394 -14.32 31.39 1.83
CA MET A 394 -14.85 30.69 0.68
C MET A 394 -13.97 29.52 0.30
N LYS A 395 -12.65 29.71 0.34
CA LYS A 395 -11.76 28.61 -0.03
C LYS A 395 -11.90 27.44 0.93
N ASN A 396 -11.97 27.72 2.22
CA ASN A 396 -12.13 26.63 3.17
C ASN A 396 -13.50 25.99 3.09
N LEU A 397 -14.56 26.80 2.95
CA LEU A 397 -15.88 26.18 2.88
C LEU A 397 -16.01 25.30 1.63
N ARG A 398 -15.39 25.73 0.52
CA ARG A 398 -15.41 24.88 -0.66
C ARG A 398 -14.62 23.60 -0.43
N LEU A 399 -13.48 23.70 0.26
CA LEU A 399 -12.71 22.51 0.57
C LEU A 399 -13.48 21.56 1.48
N ALA A 400 -14.15 22.12 2.48
CA ALA A 400 -14.96 21.30 3.37
C ALA A 400 -16.06 20.56 2.59
N PHE A 401 -16.67 21.22 1.62
CA PHE A 401 -17.74 20.57 0.86
C PHE A 401 -17.17 19.44 -0.01
N ASP A 402 -16.00 19.67 -0.62
CA ASP A 402 -15.36 18.59 -1.38
C ASP A 402 -15.14 17.37 -0.52
N ILE A 403 -14.70 17.55 0.74
CA ILE A 403 -14.51 16.41 1.65
C ILE A 403 -15.84 15.83 2.07
N MET A 404 -16.75 16.70 2.53
CA MET A 404 -17.95 16.22 3.21
C MET A 404 -18.97 15.67 2.23
N ARG A 405 -18.93 16.04 0.95
CA ARG A 405 -19.82 15.31 0.04
CA ARG A 405 -19.77 15.32 -0.03
C ARG A 405 -19.48 13.82 0.02
N VAL A 406 -18.21 13.48 0.21
CA VAL A 406 -17.79 12.08 0.31
C VAL A 406 -18.06 11.51 1.69
N THR A 407 -17.69 12.21 2.76
CA THR A 407 -17.74 11.56 4.07
C THR A 407 -19.11 11.61 4.75
N HIS A 408 -19.90 12.64 4.43
CA HIS A 408 -21.19 12.90 5.05
C HIS A 408 -22.31 12.55 4.08
N GLY A 409 -22.31 13.17 2.90
CA GLY A 409 -23.31 12.92 1.88
C GLY A 409 -24.63 13.65 2.17
N ARG A 410 -25.52 13.59 1.19
CA ARG A 410 -26.79 14.31 1.29
C ARG A 410 -27.70 13.76 2.38
N GLU A 411 -27.45 12.55 2.82
CA GLU A 411 -28.24 11.97 3.91
C GLU A 411 -27.91 12.53 5.28
N HIS A 412 -26.84 13.32 5.41
CA HIS A 412 -26.43 13.95 6.67
C HIS A 412 -26.86 15.42 6.67
N SER A 413 -27.46 15.86 7.78
CA SER A 413 -28.00 17.24 7.76
C SER A 413 -26.91 18.35 7.76
N LEU A 414 -25.66 18.04 8.10
CA LEU A 414 -24.63 19.07 8.11
C LEU A 414 -24.37 19.62 6.70
N ILE A 415 -24.64 18.82 5.65
CA ILE A 415 -24.44 19.32 4.28
C ILE A 415 -25.32 20.52 3.96
N GLU A 416 -26.59 20.50 4.39
CA GLU A 416 -27.43 21.66 4.14
C GLU A 416 -26.90 22.90 4.85
N ASP A 417 -26.37 22.74 6.07
CA ASP A 417 -25.76 23.87 6.77
C ASP A 417 -24.56 24.41 6.01
N LEU A 418 -23.75 23.54 5.45
CA LEU A 418 -22.57 24.01 4.70
C LEU A 418 -22.97 24.75 3.43
N ILE A 419 -24.00 24.27 2.74
CA ILE A 419 -24.46 24.94 1.52
C ILE A 419 -24.96 26.33 1.85
N LEU A 420 -25.66 26.49 2.99
CA LEU A 420 -26.09 27.84 3.37
C LEU A 420 -24.89 28.75 3.63
N LEU A 421 -23.83 28.24 4.26
CA LEU A 421 -22.67 29.09 4.52
C LEU A 421 -21.97 29.47 3.22
N LEU A 422 -21.85 28.51 2.32
CA LEU A 422 -21.27 28.82 1.01
C LEU A 422 -22.06 29.92 0.31
N GLU A 423 -23.39 29.84 0.34
CA GLU A 423 -24.18 30.85 -0.33
C GLU A 423 -24.04 32.23 0.34
N GLU A 424 -23.97 32.25 1.67
CA GLU A 424 -23.75 33.51 2.36
C GLU A 424 -22.38 34.09 2.06
N CYS A 425 -21.33 33.27 2.07
CA CYS A 425 -20.01 33.77 1.76
C CYS A 425 -19.96 34.38 0.37
N ASP A 426 -20.55 33.67 -0.60
CA ASP A 426 -20.59 34.16 -1.97
C ASP A 426 -21.29 35.52 -2.04
N ALA A 427 -22.40 35.67 -1.30
CA ALA A 427 -23.11 36.95 -1.31
C ALA A 427 -22.23 38.10 -0.78
N ASN A 428 -21.43 37.83 0.28
CA ASN A 428 -20.55 38.90 0.77
C ASN A 428 -19.46 39.22 -0.23
N ILE A 429 -18.97 38.21 -0.96
CA ILE A 429 -17.93 38.48 -1.94
C ILE A 429 -18.47 39.36 -3.05
N ARG A 430 -19.71 39.08 -3.50
CA ARG A 430 -20.27 39.89 -4.58
C ARG A 430 -20.54 41.33 -4.13
N ALA A 431 -20.87 41.53 -2.85
CA ALA A 431 -21.18 42.86 -2.36
C ALA A 431 -19.94 43.72 -2.18
N SER A 432 -18.75 43.11 -2.21
CA SER A 432 -17.47 43.82 -2.20
C SER A 432 -17.35 44.76 -0.99
N PRO B 7 -4.61 -10.06 -35.97
CA PRO B 7 -3.87 -10.94 -36.90
C PRO B 7 -2.37 -10.93 -36.62
N LEU B 8 -1.81 -12.10 -36.32
CA LEU B 8 -0.42 -12.16 -35.87
C LEU B 8 0.55 -11.92 -37.03
N LYS B 9 1.62 -11.16 -36.76
CA LYS B 9 2.65 -10.87 -37.73
C LYS B 9 3.80 -11.87 -37.70
N VAL B 10 3.72 -12.88 -36.83
CA VAL B 10 4.82 -13.81 -36.60
C VAL B 10 4.21 -15.21 -36.55
N GLU B 11 5.04 -16.21 -36.81
CA GLU B 11 4.55 -17.57 -36.79
C GLU B 11 5.67 -18.50 -36.37
N LYS B 12 5.33 -19.53 -35.63
CA LYS B 12 6.28 -20.60 -35.36
C LYS B 12 6.62 -21.33 -36.66
N PHE B 13 7.87 -21.78 -36.77
CA PHE B 13 8.29 -22.61 -37.88
C PHE B 13 9.47 -23.45 -37.41
N ALA B 14 9.74 -24.52 -38.15
CA ALA B 14 10.90 -25.35 -37.86
C ALA B 14 12.06 -24.80 -38.66
N THR B 15 13.12 -24.36 -37.97
CA THR B 15 14.34 -23.96 -38.66
C THR B 15 15.09 -25.20 -39.17
N ALA B 16 16.16 -24.95 -39.91
CA ALA B 16 16.97 -26.05 -40.40
C ALA B 16 17.73 -26.78 -39.31
N ASN B 17 18.74 -26.12 -38.70
CA ASN B 17 19.58 -26.75 -37.68
C ASN B 17 19.39 -26.27 -36.22
N ARG B 18 18.56 -25.26 -35.95
CA ARG B 18 18.41 -24.69 -34.61
C ARG B 18 17.10 -25.04 -33.89
N GLY B 19 16.32 -26.01 -34.37
CA GLY B 19 15.04 -26.34 -33.73
C GLY B 19 13.92 -25.43 -34.18
N ASN B 20 12.95 -25.15 -33.31
CA ASN B 20 11.88 -24.25 -33.71
C ASN B 20 12.34 -22.79 -33.62
N GLY B 21 11.61 -21.91 -34.31
CA GLY B 21 11.89 -20.50 -34.28
C GLY B 21 10.65 -19.70 -34.60
N LEU B 22 10.83 -18.39 -34.67
CA LEU B 22 9.76 -17.46 -35.01
C LEU B 22 10.17 -16.69 -36.27
N ARG B 23 9.23 -16.52 -37.22
CA ARG B 23 9.57 -15.80 -38.46
C ARG B 23 8.44 -14.86 -38.82
N ALA B 24 8.77 -13.89 -39.67
CA ALA B 24 7.82 -12.87 -40.06
C ALA B 24 6.85 -13.41 -41.11
N VAL B 25 5.55 -13.22 -40.90
CA VAL B 25 4.57 -13.59 -41.93
C VAL B 25 4.41 -12.46 -42.97
N THR B 26 4.55 -11.22 -42.54
CA THR B 26 4.47 -10.02 -43.36
C THR B 26 5.75 -9.21 -43.13
N PRO B 27 6.06 -8.26 -44.02
CA PRO B 27 7.24 -7.41 -43.76
C PRO B 27 7.00 -6.52 -42.56
N LEU B 28 8.06 -6.29 -41.78
CA LEU B 28 7.97 -5.55 -40.52
C LEU B 28 8.92 -4.37 -40.59
N ARG B 29 8.47 -3.23 -40.03
CA ARG B 29 9.18 -1.95 -39.95
C ARG B 29 9.91 -1.80 -38.60
N PRO B 30 10.98 -1.01 -38.52
CA PRO B 30 11.62 -0.74 -37.22
C PRO B 30 10.65 -0.14 -36.21
N GLY B 31 10.66 -0.68 -34.99
CA GLY B 31 9.79 -0.20 -33.96
C GLY B 31 8.42 -0.86 -33.91
N GLU B 32 8.09 -1.71 -34.88
CA GLU B 32 6.77 -2.34 -34.90
C GLU B 32 6.63 -3.31 -33.72
N LEU B 33 5.51 -3.21 -32.98
CA LEU B 33 5.25 -4.13 -31.88
C LEU B 33 4.78 -5.47 -32.43
N LEU B 34 5.56 -6.50 -32.19
CA LEU B 34 5.30 -7.83 -32.66
C LEU B 34 4.45 -8.67 -31.73
N PHE B 35 4.68 -8.59 -30.42
CA PHE B 35 4.02 -9.48 -29.49
C PHE B 35 4.12 -8.84 -28.13
N ARG B 36 3.19 -9.17 -27.24
CA ARG B 36 3.33 -8.68 -25.87
C ARG B 36 2.76 -9.72 -24.95
N SER B 37 3.37 -9.85 -23.77
CA SER B 37 3.01 -11.00 -22.95
C SER B 37 3.22 -10.68 -21.47
N ASP B 38 2.28 -11.13 -20.63
CA ASP B 38 2.57 -11.30 -19.21
C ASP B 38 3.33 -12.62 -19.04
N PRO B 39 3.99 -12.83 -17.90
CA PRO B 39 4.71 -14.09 -17.68
C PRO B 39 3.72 -15.23 -17.44
N LEU B 40 4.11 -16.45 -17.81
CA LEU B 40 3.44 -17.64 -17.25
C LEU B 40 3.62 -17.65 -15.73
N ALA B 41 4.84 -17.36 -15.27
CA ALA B 41 5.11 -17.14 -13.84
C ALA B 41 6.41 -16.32 -13.74
N TYR B 42 6.59 -15.66 -12.59
CA TYR B 42 7.77 -14.81 -12.43
C TYR B 42 8.05 -14.65 -10.94
N THR B 43 9.25 -14.19 -10.61
CA THR B 43 9.54 -13.89 -9.21
C THR B 43 10.58 -12.79 -9.13
N VAL B 44 10.57 -12.05 -8.01
CA VAL B 44 11.63 -11.10 -7.77
C VAL B 44 12.94 -11.86 -7.61
N CYS B 45 14.06 -11.24 -7.97
CA CYS B 45 15.39 -11.83 -7.85
CA CYS B 45 15.25 -12.05 -7.79
C CYS B 45 15.89 -11.84 -6.42
N LYS B 46 16.86 -12.72 -6.15
CA LYS B 46 17.44 -12.85 -4.81
C LYS B 46 17.93 -11.52 -4.25
N GLY B 47 18.78 -10.84 -5.02
CA GLY B 47 19.37 -9.62 -4.52
C GLY B 47 18.37 -8.48 -4.35
N SER B 48 17.24 -8.54 -5.05
CA SER B 48 16.25 -7.45 -5.01
C SER B 48 15.14 -7.66 -4.00
N ARG B 49 15.07 -8.79 -3.32
CA ARG B 49 13.96 -8.97 -2.37
C ARG B 49 14.16 -8.03 -1.17
N GLY B 50 13.06 -7.45 -0.67
CA GLY B 50 13.17 -6.42 0.35
C GLY B 50 13.49 -5.01 -0.15
N VAL B 51 13.92 -4.85 -1.40
CA VAL B 51 13.99 -3.59 -2.06
C VAL B 51 12.81 -3.39 -2.97
N VAL B 52 12.49 -4.37 -3.81
CA VAL B 52 11.44 -4.13 -4.78
C VAL B 52 10.21 -4.94 -4.42
N CYS B 53 9.07 -4.39 -4.81
CA CYS B 53 7.79 -5.05 -4.60
C CYS B 53 7.72 -6.38 -5.32
N ASP B 54 7.28 -7.41 -4.60
CA ASP B 54 7.10 -8.74 -5.17
C ASP B 54 6.16 -8.77 -6.38
N ARG B 55 5.15 -7.90 -6.42
CA ARG B 55 4.18 -7.91 -7.49
CA ARG B 55 4.14 -7.86 -7.48
C ARG B 55 4.59 -7.00 -8.65
N CYS B 56 4.75 -5.71 -8.41
CA CYS B 56 4.98 -4.77 -9.53
C CYS B 56 6.45 -4.57 -9.88
N LEU B 57 7.38 -5.11 -9.08
CA LEU B 57 8.83 -5.03 -9.33
C LEU B 57 9.35 -3.58 -9.34
N LEU B 58 8.72 -2.67 -8.59
CA LEU B 58 9.21 -1.31 -8.43
C LEU B 58 9.96 -1.21 -7.12
N GLY B 59 11.08 -0.48 -7.11
CA GLY B 59 11.83 -0.22 -5.88
C GLY B 59 11.14 0.82 -5.01
N LYS B 60 11.12 0.54 -3.72
CA LYS B 60 10.49 1.47 -2.79
C LYS B 60 11.29 1.49 -1.50
N GLU B 61 11.32 2.67 -0.88
CA GLU B 61 11.92 2.76 0.46
C GLU B 61 11.05 2.07 1.51
N LYS B 62 9.71 2.10 1.36
CA LYS B 62 8.79 1.50 2.32
C LYS B 62 8.06 0.30 1.69
N LEU B 63 8.25 -0.87 2.29
CA LEU B 63 7.52 -2.07 1.87
C LEU B 63 6.90 -2.72 3.10
N MET B 64 5.79 -3.42 2.88
CA MET B 64 5.15 -4.17 3.95
C MET B 64 5.34 -5.67 3.66
N ARG B 65 5.38 -6.48 4.71
CA ARG B 65 5.51 -7.93 4.55
CA ARG B 65 5.49 -7.93 4.55
C ARG B 65 4.14 -8.61 4.56
N CYS B 66 4.01 -9.72 3.79
CA CYS B 66 2.89 -10.61 4.02
C CYS B 66 2.78 -10.99 5.50
N SER B 67 1.60 -10.82 6.09
CA SER B 67 1.54 -11.02 7.55
C SER B 67 1.61 -12.50 7.90
N GLN B 68 1.39 -13.39 6.94
CA GLN B 68 1.39 -14.82 7.24
C GLN B 68 2.81 -15.39 7.19
N CYS B 69 3.50 -15.26 6.05
CA CYS B 69 4.87 -15.80 6.01
C CYS B 69 5.91 -14.81 6.51
N ARG B 70 5.59 -13.52 6.49
CA ARG B 70 6.54 -12.46 6.81
C ARG B 70 7.78 -12.48 5.94
N VAL B 71 7.66 -13.02 4.70
CA VAL B 71 8.76 -13.08 3.74
C VAL B 71 8.49 -12.19 2.53
N ALA B 72 7.42 -12.48 1.77
CA ALA B 72 7.12 -11.66 0.59
C ALA B 72 6.82 -10.21 1.00
N LYS B 73 7.22 -9.25 0.15
CA LYS B 73 7.10 -7.82 0.51
C LYS B 73 6.46 -7.05 -0.62
N TYR B 74 5.61 -6.08 -0.25
CA TYR B 74 4.77 -5.37 -1.23
C TYR B 74 4.81 -3.87 -1.01
N CYS B 75 4.64 -3.10 -2.11
CA CYS B 75 4.66 -1.65 -1.99
C CYS B 75 3.40 -1.07 -1.37
N SER B 76 2.31 -1.86 -1.36
CA SER B 76 0.97 -1.40 -1.05
C SER B 76 0.07 -2.58 -0.69
N ALA B 77 -1.01 -2.29 0.04
CA ALA B 77 -2.05 -3.30 0.20
C ALA B 77 -2.66 -3.72 -1.15
N LYS B 78 -2.70 -2.80 -2.15
CA LYS B 78 -3.23 -3.17 -3.45
C LYS B 78 -2.38 -4.27 -4.11
N CYS B 79 -1.06 -4.08 -4.11
CA CYS B 79 -0.18 -5.11 -4.69
C CYS B 79 -0.27 -6.39 -3.88
N GLN B 80 -0.33 -6.29 -2.54
CA GLN B 80 -0.44 -7.52 -1.73
C GLN B 80 -1.68 -8.35 -2.13
N LYS B 81 -2.82 -7.67 -2.35
CA LYS B 81 -4.06 -8.38 -2.72
C LYS B 81 -3.97 -8.95 -4.12
N LYS B 82 -3.47 -8.18 -5.09
CA LYS B 82 -3.40 -8.65 -6.46
C LYS B 82 -2.42 -9.81 -6.61
N ALA B 83 -1.42 -9.87 -5.74
CA ALA B 83 -0.44 -10.94 -5.76
C ALA B 83 -0.89 -12.19 -5.03
N TRP B 84 -1.99 -12.13 -4.30
CA TRP B 84 -2.36 -13.29 -3.48
C TRP B 84 -2.58 -14.55 -4.31
N PRO B 85 -3.24 -14.54 -5.48
CA PRO B 85 -3.35 -15.80 -6.24
C PRO B 85 -1.99 -16.43 -6.58
N ASP B 86 -1.00 -15.61 -6.95
CA ASP B 86 0.33 -16.11 -7.28
C ASP B 86 1.11 -16.55 -6.05
N HIS B 87 0.82 -15.92 -4.87
CA HIS B 87 1.53 -16.17 -3.62
C HIS B 87 0.91 -17.24 -2.71
N LYS B 88 -0.34 -17.59 -2.94
CA LYS B 88 -1.08 -18.38 -1.96
CA LYS B 88 -1.05 -18.35 -1.92
C LYS B 88 -0.43 -19.73 -1.71
N ARG B 89 0.01 -20.40 -2.77
CA ARG B 89 0.60 -21.71 -2.55
C ARG B 89 2.08 -21.71 -2.18
N GLU B 90 2.81 -20.60 -2.26
CA GLU B 90 4.16 -20.61 -1.76
C GLU B 90 4.30 -20.02 -0.36
N CYS B 91 3.25 -19.37 0.14
CA CYS B 91 3.33 -18.64 1.42
C CYS B 91 3.82 -19.54 2.55
N LYS B 92 3.18 -20.71 2.73
CA LYS B 92 3.61 -21.63 3.79
C LYS B 92 5.03 -22.13 3.56
N CYS B 93 5.41 -22.32 2.30
CA CYS B 93 6.77 -22.80 2.01
C CYS B 93 7.79 -21.75 2.39
N LEU B 94 7.56 -20.49 2.01
CA LEU B 94 8.50 -19.44 2.41
C LEU B 94 8.54 -19.32 3.94
N LYS B 95 7.38 -19.43 4.59
CA LYS B 95 7.35 -19.30 6.06
C LYS B 95 8.21 -20.37 6.71
N SER B 96 8.10 -21.60 6.22
CA SER B 96 8.85 -22.69 6.85
C SER B 96 10.36 -22.51 6.70
N CYS B 97 10.83 -22.07 5.53
CA CYS B 97 12.29 -22.10 5.47
C CYS B 97 12.97 -20.82 5.97
N LYS B 98 12.20 -19.76 6.28
CA LYS B 98 12.70 -18.48 6.80
C LYS B 98 13.62 -18.79 8.01
N PRO B 99 14.78 -18.15 8.13
CA PRO B 99 15.44 -17.11 7.33
C PRO B 99 16.03 -17.57 5.98
N ARG B 100 16.16 -18.87 5.73
CA ARG B 100 16.67 -19.33 4.43
C ARG B 100 15.70 -19.01 3.30
N TYR B 101 16.24 -18.89 2.10
CA TYR B 101 15.40 -18.46 0.97
C TYR B 101 15.83 -19.35 -0.18
N PRO B 102 14.89 -19.83 -0.98
CA PRO B 102 15.24 -20.78 -2.02
C PRO B 102 15.95 -20.06 -3.16
N PRO B 103 16.74 -20.79 -3.97
CA PRO B 103 17.26 -20.22 -5.22
C PRO B 103 16.12 -19.68 -6.09
N ASP B 104 16.41 -18.65 -6.91
CA ASP B 104 15.36 -18.06 -7.75
C ASP B 104 14.72 -19.12 -8.65
N SER B 105 15.54 -20.05 -9.18
CA SER B 105 14.95 -21.05 -10.10
C SER B 105 13.92 -21.93 -9.39
N VAL B 106 14.15 -22.21 -8.11
CA VAL B 106 13.27 -23.04 -7.32
C VAL B 106 11.97 -22.29 -7.03
N ARG B 107 12.10 -21.02 -6.60
CA ARG B 107 10.87 -20.25 -6.35
C ARG B 107 10.07 -20.07 -7.63
N LEU B 108 10.76 -19.80 -8.76
CA LEU B 108 10.06 -19.67 -10.05
C LEU B 108 9.32 -20.95 -10.42
N LEU B 109 9.99 -22.11 -10.31
CA LEU B 109 9.31 -23.36 -10.71
C LEU B 109 8.17 -23.70 -9.75
N GLY B 110 8.30 -23.36 -8.47
CA GLY B 110 7.18 -23.54 -7.56
C GLY B 110 5.95 -22.77 -8.01
N ARG B 111 6.15 -21.61 -8.63
CA ARG B 111 4.99 -20.88 -9.14
C ARG B 111 4.48 -21.50 -10.45
N VAL B 112 5.40 -21.92 -11.31
CA VAL B 112 5.04 -22.52 -12.60
C VAL B 112 4.12 -23.72 -12.39
N VAL B 113 4.45 -24.63 -11.44
CA VAL B 113 3.73 -25.92 -11.43
C VAL B 113 2.24 -25.72 -11.17
N PHE B 114 1.88 -24.77 -10.31
CA PHE B 114 0.46 -24.53 -10.07
C PHE B 114 -0.20 -23.85 -11.25
N LYS B 115 0.53 -23.02 -12.01
CA LYS B 115 -0.08 -22.49 -13.24
C LYS B 115 -0.39 -23.59 -14.26
N LEU B 116 0.40 -24.66 -14.31
CA LEU B 116 0.14 -25.69 -15.30
C LEU B 116 -1.20 -26.39 -15.08
N MET B 117 -1.74 -26.34 -13.87
CA MET B 117 -3.00 -27.00 -13.61
C MET B 117 -4.20 -26.13 -13.90
N ASP B 118 -4.00 -24.89 -14.36
CA ASP B 118 -5.14 -24.04 -14.75
C ASP B 118 -5.81 -24.60 -15.99
N GLY B 119 -7.15 -24.65 -15.96
CA GLY B 119 -7.90 -25.00 -17.15
C GLY B 119 -7.95 -23.89 -18.17
N ALA B 120 -7.81 -22.64 -17.75
CA ALA B 120 -7.81 -21.54 -18.70
C ALA B 120 -6.52 -21.54 -19.52
N PRO B 121 -6.58 -21.38 -20.85
CA PRO B 121 -5.35 -21.24 -21.63
C PRO B 121 -4.59 -20.00 -21.18
N SER B 122 -3.27 -20.13 -21.05
CA SER B 122 -2.47 -18.96 -20.71
C SER B 122 -2.12 -18.21 -21.98
N GLU B 123 -2.45 -16.91 -22.01
CA GLU B 123 -2.05 -16.09 -23.17
C GLU B 123 -0.54 -16.11 -23.39
N SER B 124 0.25 -16.28 -22.32
CA SER B 124 1.71 -16.39 -22.47
C SER B 124 2.14 -17.63 -23.26
N GLU B 125 1.27 -18.64 -23.37
CA GLU B 125 1.54 -19.90 -24.07
C GLU B 125 0.94 -19.98 -25.48
N LYS B 126 0.39 -18.88 -25.99
CA LYS B 126 -0.32 -18.90 -27.28
C LYS B 126 0.50 -19.55 -28.39
N LEU B 127 1.77 -19.13 -28.57
CA LEU B 127 2.58 -19.68 -29.66
C LEU B 127 3.28 -20.97 -29.29
N TYR B 128 3.63 -21.15 -28.02
CA TYR B 128 4.46 -22.25 -27.57
C TYR B 128 4.15 -22.46 -26.08
N SER B 129 4.14 -23.70 -25.61
CA SER B 129 3.76 -23.90 -24.21
C SER B 129 4.97 -24.26 -23.35
N PHE B 130 4.73 -24.35 -22.04
CA PHE B 130 5.77 -24.85 -21.14
C PHE B 130 6.27 -26.22 -21.60
N TYR B 131 5.34 -27.10 -22.00
CA TYR B 131 5.77 -28.44 -22.36
C TYR B 131 6.51 -28.47 -23.71
N ASP B 132 6.34 -27.44 -24.56
CA ASP B 132 7.12 -27.31 -25.80
C ASP B 132 8.58 -26.88 -25.57
N LEU B 133 8.92 -26.31 -24.40
CA LEU B 133 10.22 -25.65 -24.24
C LEU B 133 11.38 -26.61 -24.38
N GLU B 134 12.45 -26.11 -25.01
CA GLU B 134 13.70 -26.85 -25.15
C GLU B 134 14.37 -27.08 -23.81
N SER B 135 14.67 -28.34 -23.49
CA SER B 135 15.47 -28.66 -22.31
C SER B 135 16.95 -28.93 -22.59
N ASN B 136 17.33 -29.17 -23.85
CA ASN B 136 18.69 -29.62 -24.15
C ASN B 136 19.15 -30.83 -23.33
N ILE B 137 18.23 -31.72 -22.93
CA ILE B 137 18.61 -32.73 -21.95
C ILE B 137 19.72 -33.64 -22.48
N ASN B 138 19.77 -33.88 -23.78
CA ASN B 138 20.80 -34.77 -24.27
C ASN B 138 22.14 -34.07 -24.52
N LYS B 139 22.19 -32.74 -24.44
CA LYS B 139 23.44 -31.98 -24.61
C LYS B 139 24.07 -31.54 -23.30
N LEU B 140 23.41 -31.80 -22.16
CA LEU B 140 23.92 -31.26 -20.91
C LEU B 140 25.16 -32.02 -20.46
N THR B 141 26.12 -31.28 -19.91
CA THR B 141 27.30 -31.87 -19.31
C THR B 141 26.95 -32.54 -17.98
N GLU B 142 27.83 -33.43 -17.52
CA GLU B 142 27.60 -34.11 -16.25
C GLU B 142 27.60 -33.14 -15.08
N ASP B 143 28.46 -32.12 -15.14
CA ASP B 143 28.46 -31.13 -14.06
C ASP B 143 27.14 -30.36 -14.04
N LYS B 144 26.58 -30.03 -15.20
CA LYS B 144 25.28 -29.35 -15.24
C LYS B 144 24.18 -30.26 -14.72
N LYS B 145 24.24 -31.56 -15.04
CA LYS B 145 23.24 -32.52 -14.57
C LYS B 145 23.29 -32.67 -13.06
N GLU B 146 24.49 -32.66 -12.47
CA GLU B 146 24.58 -32.75 -11.02
C GLU B 146 23.95 -31.52 -10.36
N GLY B 147 24.14 -30.35 -10.97
CA GLY B 147 23.53 -29.13 -10.45
C GLY B 147 22.02 -29.18 -10.50
N LEU B 148 21.47 -29.70 -11.59
CA LEU B 148 20.02 -29.83 -11.70
C LEU B 148 19.46 -30.83 -10.69
N ARG B 149 20.18 -31.93 -10.43
CA ARG B 149 19.70 -32.88 -9.43
C ARG B 149 19.66 -32.23 -8.05
N GLN B 150 20.58 -31.31 -7.78
CA GLN B 150 20.60 -30.60 -6.51
C GLN B 150 19.43 -29.64 -6.41
N LEU B 151 19.11 -28.97 -7.51
CA LEU B 151 17.92 -28.11 -7.55
C LEU B 151 16.65 -28.93 -7.36
N VAL B 152 16.57 -30.13 -7.96
CA VAL B 152 15.41 -31.01 -7.72
C VAL B 152 15.24 -31.29 -6.23
N MET B 153 16.33 -31.65 -5.55
CA MET B 153 16.21 -31.96 -4.13
C MET B 153 15.83 -30.74 -3.32
N THR B 154 16.31 -29.56 -3.71
CA THR B 154 15.98 -28.34 -2.97
C THR B 154 14.51 -28.01 -3.13
N PHE B 155 14.01 -28.12 -4.36
CA PHE B 155 12.59 -27.96 -4.64
C PHE B 155 11.74 -28.92 -3.81
N GLN B 156 12.13 -30.20 -3.74
CA GLN B 156 11.37 -31.18 -2.99
C GLN B 156 11.29 -30.80 -1.53
N HIS B 157 12.38 -30.23 -0.98
CA HIS B 157 12.33 -29.78 0.41
C HIS B 157 11.54 -28.47 0.55
N PHE B 158 11.83 -27.50 -0.33
CA PHE B 158 11.18 -26.20 -0.21
C PHE B 158 9.66 -26.35 -0.32
N MET B 159 9.20 -27.20 -1.21
CA MET B 159 7.76 -27.30 -1.45
C MET B 159 7.00 -28.26 -0.55
N ARG B 160 7.66 -28.92 0.42
CA ARG B 160 7.11 -30.10 1.08
C ARG B 160 5.81 -29.81 1.84
N GLU B 161 5.55 -28.54 2.19
CA GLU B 161 4.31 -28.26 2.90
C GLU B 161 3.11 -28.39 1.97
N GLU B 162 3.27 -27.99 0.70
CA GLU B 162 2.28 -28.03 -0.37
C GLU B 162 2.23 -29.30 -1.22
N ILE B 163 3.39 -29.85 -1.59
CA ILE B 163 3.53 -30.96 -2.55
C ILE B 163 4.46 -31.98 -1.91
N GLN B 164 3.97 -33.17 -1.60
CA GLN B 164 4.85 -34.23 -1.11
C GLN B 164 5.22 -35.31 -2.12
N ASP B 165 4.61 -35.33 -3.31
CA ASP B 165 4.85 -36.43 -4.24
C ASP B 165 4.52 -35.98 -5.65
N ALA B 166 5.10 -36.67 -6.65
CA ALA B 166 4.85 -36.40 -8.06
C ALA B 166 3.40 -36.66 -8.44
N SER B 167 2.68 -37.47 -7.67
CA SER B 167 1.28 -37.69 -7.99
C SER B 167 0.44 -36.46 -7.75
N GLN B 168 0.98 -35.43 -7.08
CA GLN B 168 0.24 -34.20 -6.88
C GLN B 168 0.48 -33.15 -7.97
N LEU B 169 1.28 -33.46 -8.99
CA LEU B 169 1.55 -32.60 -10.13
C LEU B 169 1.14 -33.34 -11.39
N PRO B 170 0.94 -32.64 -12.52
CA PRO B 170 0.52 -33.33 -13.74
C PRO B 170 1.51 -34.41 -14.13
N PRO B 171 1.02 -35.52 -14.68
CA PRO B 171 1.94 -36.64 -14.96
C PRO B 171 2.92 -36.32 -16.06
N ALA B 172 2.56 -35.44 -17.01
CA ALA B 172 3.49 -35.06 -18.07
C ALA B 172 4.62 -34.17 -17.56
N PHE B 173 4.47 -33.57 -16.37
CA PHE B 173 5.54 -32.78 -15.78
C PHE B 173 6.62 -33.68 -15.19
N ASP B 174 7.88 -33.34 -15.44
CA ASP B 174 9.01 -34.04 -14.85
C ASP B 174 9.90 -33.00 -14.21
N LEU B 175 10.21 -33.15 -12.91
CA LEU B 175 10.90 -32.05 -12.22
C LEU B 175 12.31 -31.80 -12.78
N PHE B 176 13.08 -32.86 -13.01
CA PHE B 176 14.44 -32.67 -13.53
C PHE B 176 14.41 -31.94 -14.88
N GLU B 177 13.59 -32.42 -15.81
CA GLU B 177 13.49 -31.77 -17.10
C GLU B 177 12.90 -30.36 -16.97
N ALA B 178 12.03 -30.11 -15.98
CA ALA B 178 11.51 -28.77 -15.80
C ALA B 178 12.64 -27.80 -15.44
N PHE B 179 13.56 -28.21 -14.55
CA PHE B 179 14.68 -27.33 -14.20
C PHE B 179 15.56 -27.09 -15.43
N ALA B 180 15.75 -28.12 -16.27
CA ALA B 180 16.46 -27.94 -17.53
C ALA B 180 15.80 -26.89 -18.40
N LYS B 181 14.47 -26.93 -18.52
CA LYS B 181 13.74 -25.92 -19.29
C LYS B 181 13.87 -24.52 -18.68
N VAL B 182 13.74 -24.44 -17.35
CA VAL B 182 13.82 -23.14 -16.69
C VAL B 182 15.17 -22.48 -16.96
N ILE B 183 16.25 -23.24 -16.87
CA ILE B 183 17.58 -22.67 -17.00
C ILE B 183 17.78 -22.10 -18.40
N CYS B 184 17.33 -22.80 -19.45
CA CYS B 184 17.53 -22.41 -20.84
CA CYS B 184 17.63 -22.21 -20.75
C CYS B 184 16.51 -21.38 -21.35
N ASN B 185 15.30 -21.36 -20.76
CA ASN B 185 14.24 -20.49 -21.28
C ASN B 185 13.85 -19.28 -20.45
N SER B 186 14.35 -19.14 -19.25
CA SER B 186 13.90 -18.00 -18.44
C SER B 186 14.44 -16.69 -19.00
N PHE B 187 13.74 -15.61 -18.68
CA PHE B 187 14.13 -14.27 -19.08
C PHE B 187 14.46 -13.44 -17.82
N THR B 188 15.56 -12.68 -17.88
CA THR B 188 15.83 -11.68 -16.83
C THR B 188 14.92 -10.47 -17.01
N ILE B 189 14.19 -10.11 -15.97
CA ILE B 189 13.30 -8.96 -16.03
C ILE B 189 14.06 -7.76 -15.49
N CYS B 190 14.15 -6.69 -16.30
CA CYS B 190 14.79 -5.43 -15.91
C CYS B 190 13.76 -4.37 -15.61
N ASN B 191 14.08 -3.52 -14.65
CA ASN B 191 13.18 -2.42 -14.39
C ASN B 191 13.42 -1.31 -15.41
N ALA B 192 12.71 -0.19 -15.24
CA ALA B 192 12.75 0.86 -16.26
C ALA B 192 14.15 1.42 -16.41
N GLU B 193 14.94 1.40 -15.35
CA GLU B 193 16.30 1.89 -15.35
C GLU B 193 17.32 0.83 -15.80
N MET B 194 16.83 -0.32 -16.23
CA MET B 194 17.61 -1.45 -16.69
C MET B 194 18.41 -2.15 -15.58
N GLN B 195 17.99 -2.03 -14.32
CA GLN B 195 18.50 -2.90 -13.26
C GLN B 195 17.77 -4.25 -13.32
N GLU B 196 18.50 -5.35 -13.11
CA GLU B 196 17.85 -6.67 -13.11
C GLU B 196 17.11 -6.84 -11.78
N VAL B 197 15.78 -6.98 -11.86
CA VAL B 197 14.98 -7.15 -10.65
C VAL B 197 14.22 -8.46 -10.53
N GLY B 198 14.15 -9.29 -11.57
CA GLY B 198 13.26 -10.44 -11.49
C GLY B 198 13.62 -11.45 -12.56
N VAL B 199 12.91 -12.57 -12.54
CA VAL B 199 13.11 -13.59 -13.58
C VAL B 199 11.74 -14.18 -13.87
N GLY B 200 11.49 -14.48 -15.14
CA GLY B 200 10.20 -15.09 -15.45
C GLY B 200 10.25 -15.95 -16.68
N LEU B 201 9.19 -16.77 -16.85
CA LEU B 201 9.01 -17.66 -18.01
C LEU B 201 7.95 -17.05 -18.91
N TYR B 202 8.26 -16.97 -20.21
CA TYR B 202 7.41 -16.37 -21.24
C TYR B 202 7.45 -17.33 -22.41
N PRO B 203 6.64 -18.39 -22.39
CA PRO B 203 6.92 -19.53 -23.28
C PRO B 203 6.87 -19.16 -24.77
N SER B 204 5.89 -18.34 -25.19
CA SER B 204 5.80 -17.91 -26.59
C SER B 204 7.04 -17.14 -27.03
N ILE B 205 7.60 -16.31 -26.14
CA ILE B 205 8.78 -15.53 -26.48
C ILE B 205 10.01 -16.39 -26.50
N SER B 206 9.95 -17.55 -25.83
CA SER B 206 11.07 -18.46 -25.80
C SER B 206 11.34 -19.10 -27.16
N LEU B 207 10.43 -18.95 -28.12
CA LEU B 207 10.65 -19.42 -29.49
C LEU B 207 11.77 -18.66 -30.21
N LEU B 208 12.12 -17.43 -29.78
CA LEU B 208 13.13 -16.68 -30.52
C LEU B 208 14.53 -17.25 -30.30
N ASN B 209 15.19 -17.60 -31.40
CA ASN B 209 16.59 -17.96 -31.40
C ASN B 209 17.47 -16.71 -31.23
N HIS B 210 18.72 -16.98 -30.93
CA HIS B 210 19.71 -15.95 -30.56
C HIS B 210 20.51 -15.43 -31.75
N SER B 211 20.81 -14.15 -31.73
CA SER B 211 21.88 -13.59 -32.55
C SER B 211 22.60 -12.51 -31.76
N CYS B 212 23.92 -12.38 -31.93
CA CYS B 212 24.63 -11.23 -31.37
C CYS B 212 24.42 -9.96 -32.21
N ASP B 213 23.71 -10.07 -33.36
CA ASP B 213 23.26 -8.92 -34.14
C ASP B 213 21.78 -9.09 -34.48
N PRO B 214 20.90 -8.95 -33.48
CA PRO B 214 19.51 -9.38 -33.64
C PRO B 214 18.66 -8.37 -34.39
N ASN B 215 17.55 -8.85 -34.98
CA ASN B 215 16.60 -7.91 -35.60
C ASN B 215 15.40 -7.53 -34.73
N CYS B 216 15.28 -8.08 -33.50
CA CYS B 216 14.21 -7.75 -32.58
C CYS B 216 14.80 -7.43 -31.22
N SER B 217 14.00 -6.80 -30.38
CA SER B 217 14.46 -6.45 -29.05
C SER B 217 13.31 -6.65 -28.07
N ILE B 218 13.61 -7.01 -26.81
CA ILE B 218 12.56 -7.09 -25.77
C ILE B 218 12.79 -6.02 -24.73
N VAL B 219 11.69 -5.42 -24.27
CA VAL B 219 11.76 -4.46 -23.16
CA VAL B 219 11.73 -4.44 -23.19
C VAL B 219 10.67 -4.84 -22.17
N PHE B 220 10.95 -4.61 -20.90
CA PHE B 220 10.00 -4.91 -19.86
C PHE B 220 9.40 -3.65 -19.29
N ASN B 221 8.08 -3.69 -19.06
CA ASN B 221 7.38 -2.73 -18.21
C ASN B 221 6.79 -3.50 -17.01
N GLY B 222 7.42 -3.36 -15.84
CA GLY B 222 7.19 -4.31 -14.79
C GLY B 222 7.39 -5.71 -15.32
N PRO B 223 6.52 -6.65 -14.92
CA PRO B 223 6.61 -8.02 -15.46
C PRO B 223 6.21 -8.14 -16.92
N HIS B 224 5.60 -7.12 -17.49
CA HIS B 224 5.04 -7.24 -18.84
C HIS B 224 6.13 -7.09 -19.90
N LEU B 225 6.15 -7.98 -20.90
CA LEU B 225 7.21 -8.02 -21.91
C LEU B 225 6.65 -7.56 -23.26
N LEU B 226 7.38 -6.66 -23.95
CA LEU B 226 7.07 -6.21 -25.31
C LEU B 226 8.19 -6.65 -26.25
N LEU B 227 7.83 -7.26 -27.39
CA LEU B 227 8.77 -7.72 -28.41
C LEU B 227 8.60 -6.81 -29.62
N ARG B 228 9.70 -6.20 -30.08
CA ARG B 228 9.57 -5.18 -31.14
C ARG B 228 10.62 -5.41 -32.19
N ALA B 229 10.27 -5.12 -33.46
CA ALA B 229 11.29 -5.10 -34.49
C ALA B 229 12.22 -3.90 -34.31
N VAL B 230 13.53 -4.12 -34.43
CA VAL B 230 14.47 -2.99 -34.38
C VAL B 230 15.02 -2.60 -35.73
N ARG B 231 14.62 -3.28 -36.80
CA ARG B 231 15.09 -3.00 -38.15
C ARG B 231 14.01 -3.54 -39.08
N ASP B 232 14.09 -3.18 -40.36
CA ASP B 232 13.22 -3.82 -41.33
C ASP B 232 13.47 -5.31 -41.43
N ILE B 233 12.37 -6.07 -41.54
CA ILE B 233 12.40 -7.53 -41.59
C ILE B 233 11.48 -8.00 -42.72
N GLU B 234 12.02 -8.82 -43.61
CA GLU B 234 11.25 -9.34 -44.75
CA GLU B 234 11.29 -9.36 -44.77
C GLU B 234 10.44 -10.58 -44.38
N VAL B 235 9.40 -10.86 -45.20
CA VAL B 235 8.62 -12.09 -45.04
C VAL B 235 9.54 -13.31 -45.01
N GLY B 236 9.25 -14.24 -44.09
CA GLY B 236 10.01 -15.47 -43.95
C GLY B 236 11.33 -15.34 -43.24
N GLU B 237 11.78 -14.14 -42.92
CA GLU B 237 13.04 -13.95 -42.22
C GLU B 237 12.88 -14.36 -40.75
N GLU B 238 13.84 -15.11 -40.23
CA GLU B 238 13.78 -15.55 -38.83
C GLU B 238 13.95 -14.36 -37.90
N LEU B 239 13.15 -14.32 -36.83
CA LEU B 239 13.25 -13.26 -35.84
C LEU B 239 14.23 -13.70 -34.74
N THR B 240 15.11 -12.78 -34.33
CA THR B 240 16.14 -13.13 -33.35
C THR B 240 16.22 -12.04 -32.28
N ILE B 241 16.65 -12.45 -31.09
CA ILE B 241 17.01 -11.51 -30.02
C ILE B 241 18.41 -11.89 -29.54
N CYS B 242 19.05 -10.98 -28.76
CA CYS B 242 20.36 -11.29 -28.17
C CYS B 242 20.16 -11.78 -26.73
N TYR B 243 20.57 -13.03 -26.48
CA TYR B 243 20.41 -13.61 -25.12
C TYR B 243 21.39 -13.02 -24.13
N LEU B 244 22.37 -12.27 -24.61
CA LEU B 244 23.54 -11.83 -23.84
C LEU B 244 23.67 -10.31 -23.71
N ASP B 245 24.39 -9.94 -22.65
CA ASP B 245 24.92 -8.60 -22.46
C ASP B 245 25.81 -8.22 -23.66
N MET B 246 25.67 -6.98 -24.15
CA MET B 246 26.44 -6.59 -25.32
C MET B 246 27.90 -6.31 -25.00
N LEU B 247 28.23 -6.05 -23.72
CA LEU B 247 29.65 -5.76 -23.45
C LEU B 247 30.28 -7.08 -23.02
N MET B 248 30.64 -7.85 -24.05
CA MET B 248 31.24 -9.17 -23.88
C MET B 248 32.08 -9.43 -25.15
N THR B 249 33.28 -10.00 -24.97
CA THR B 249 34.08 -10.36 -26.13
C THR B 249 33.50 -11.60 -26.80
N SER B 250 33.94 -11.88 -28.05
CA SER B 250 33.37 -13.05 -28.72
C SER B 250 33.70 -14.33 -27.96
N GLU B 251 34.88 -14.40 -27.33
CA GLU B 251 35.24 -15.56 -26.53
C GLU B 251 34.34 -15.69 -25.30
N GLU B 252 34.05 -14.57 -24.62
CA GLU B 252 33.12 -14.62 -23.49
C GLU B 252 31.73 -15.05 -23.94
N ARG B 253 31.24 -14.51 -25.05
CA ARG B 253 29.93 -14.92 -25.55
C ARG B 253 29.91 -16.41 -25.88
N ARG B 254 30.98 -16.90 -26.50
CA ARG B 254 31.03 -18.31 -26.86
C ARG B 254 30.96 -19.23 -25.64
N LYS B 255 31.65 -18.86 -24.55
CA LYS B 255 31.64 -19.65 -23.33
C LYS B 255 30.25 -19.69 -22.71
N GLN B 256 29.61 -18.52 -22.59
CA GLN B 256 28.28 -18.46 -21.97
C GLN B 256 27.22 -19.18 -22.82
N LEU B 257 27.24 -18.98 -24.14
CA LEU B 257 26.23 -19.64 -24.95
C LEU B 257 26.41 -21.15 -24.92
N ARG B 258 27.65 -21.65 -24.85
CA ARG B 258 27.86 -23.09 -24.75
C ARG B 258 27.39 -23.61 -23.39
N ASP B 259 27.78 -22.93 -22.32
CA ASP B 259 27.53 -23.46 -20.99
C ASP B 259 26.07 -23.42 -20.63
N GLN B 260 25.39 -22.30 -20.92
CA GLN B 260 23.98 -22.15 -20.59
C GLN B 260 23.03 -22.72 -21.65
N TYR B 261 23.29 -22.46 -22.92
CA TYR B 261 22.37 -22.81 -23.98
C TYR B 261 22.78 -23.97 -24.88
N CYS B 262 23.96 -24.56 -24.69
CA CYS B 262 24.39 -25.74 -25.47
C CYS B 262 24.43 -25.48 -26.98
N PHE B 263 24.95 -24.32 -27.40
CA PHE B 263 25.22 -24.13 -28.83
C PHE B 263 26.38 -23.17 -29.03
N GLU B 264 26.83 -23.08 -30.30
CA GLU B 264 27.87 -22.18 -30.79
C GLU B 264 27.24 -21.20 -31.76
N CYS B 265 27.41 -19.89 -31.51
CA CYS B 265 26.79 -18.91 -32.40
C CYS B 265 27.59 -18.80 -33.69
N ASP B 266 26.89 -18.93 -34.81
CA ASP B 266 27.48 -18.76 -36.13
C ASP B 266 27.29 -17.36 -36.71
N CYS B 267 26.77 -16.38 -35.94
CA CYS B 267 26.51 -15.08 -36.53
C CYS B 267 27.83 -14.43 -36.97
N PHE B 268 27.70 -13.44 -37.85
CA PHE B 268 28.88 -12.81 -38.44
C PHE B 268 29.78 -12.22 -37.36
N ARG B 269 29.20 -11.73 -36.26
CA ARG B 269 30.04 -11.09 -35.25
C ARG B 269 30.94 -12.10 -34.56
N CYS B 270 30.45 -13.31 -34.30
CA CYS B 270 31.29 -14.32 -33.68
C CYS B 270 32.35 -14.84 -34.67
N GLN B 271 32.00 -14.88 -35.96
CA GLN B 271 32.92 -15.41 -36.95
C GLN B 271 34.03 -14.42 -37.26
N THR B 272 33.75 -13.11 -37.18
CA THR B 272 34.71 -12.03 -37.43
C THR B 272 35.32 -11.39 -36.19
N GLN B 273 35.00 -11.83 -34.96
CA GLN B 273 35.52 -11.23 -33.72
C GLN B 273 35.20 -9.73 -33.65
N ASP B 274 34.01 -9.40 -34.11
CA ASP B 274 33.62 -8.02 -34.36
C ASP B 274 33.66 -7.21 -33.07
N LYS B 275 34.43 -6.12 -33.06
CA LYS B 275 34.60 -5.18 -31.93
C LYS B 275 35.49 -5.73 -30.78
N ASP B 276 36.02 -6.95 -30.86
CA ASP B 276 36.88 -7.45 -29.77
C ASP B 276 38.05 -6.50 -29.45
N ALA B 277 38.71 -5.95 -30.48
CA ALA B 277 39.90 -5.12 -30.21
C ALA B 277 39.53 -3.86 -29.46
N ASP B 278 38.43 -3.21 -29.85
CA ASP B 278 37.96 -2.04 -29.14
C ASP B 278 37.57 -2.41 -27.71
N MET B 279 36.92 -3.56 -27.53
CA MET B 279 36.48 -3.95 -26.18
C MET B 279 37.66 -4.10 -25.24
N LEU B 280 38.78 -4.61 -25.75
CA LEU B 280 39.97 -4.91 -24.95
C LEU B 280 41.04 -3.81 -24.98
N THR B 281 40.69 -2.61 -25.42
CA THR B 281 41.63 -1.47 -25.46
C THR B 281 42.39 -1.30 -24.14
N GLY B 282 43.72 -1.08 -24.24
CA GLY B 282 44.53 -0.92 -23.06
C GLY B 282 45.35 -2.18 -22.78
N ASP B 283 46.14 -2.11 -21.73
CA ASP B 283 47.04 -3.20 -21.36
C ASP B 283 46.34 -4.22 -20.51
N GLU B 284 46.40 -5.49 -20.92
CA GLU B 284 45.77 -6.53 -20.12
C GLU B 284 46.31 -6.53 -18.70
N GLN B 285 47.59 -6.19 -18.51
CA GLN B 285 48.10 -6.20 -17.14
C GLN B 285 47.36 -5.17 -16.28
N VAL B 286 46.84 -4.08 -16.88
CA VAL B 286 46.01 -3.11 -16.17
C VAL B 286 44.55 -3.56 -16.08
N TRP B 287 43.94 -3.94 -17.21
CA TRP B 287 42.49 -4.14 -17.13
C TRP B 287 42.10 -5.47 -16.51
N LYS B 288 43.01 -6.46 -16.41
CA LYS B 288 42.63 -7.68 -15.73
C LYS B 288 42.26 -7.45 -14.26
N GLU B 289 42.87 -6.45 -13.63
CA GLU B 289 42.49 -6.10 -12.25
C GLU B 289 41.05 -5.60 -12.19
N VAL B 290 40.67 -4.82 -13.21
CA VAL B 290 39.30 -4.26 -13.27
C VAL B 290 38.29 -5.36 -13.49
N GLN B 291 38.57 -6.27 -14.43
CA GLN B 291 37.69 -7.41 -14.64
C GLN B 291 37.48 -8.19 -13.35
N GLU B 292 38.56 -8.39 -12.59
CA GLU B 292 38.42 -9.17 -11.38
C GLU B 292 37.60 -8.44 -10.32
N SER B 293 37.79 -7.12 -10.22
CA SER B 293 37.01 -6.32 -9.28
C SER B 293 35.53 -6.32 -9.61
N LEU B 294 35.18 -6.48 -10.88
CA LEU B 294 33.76 -6.38 -11.25
C LEU B 294 32.93 -7.49 -10.63
N LYS B 295 33.55 -8.62 -10.30
CA LYS B 295 32.77 -9.69 -9.68
C LYS B 295 32.10 -9.21 -8.41
N LYS B 296 32.87 -8.55 -7.53
CA LYS B 296 32.31 -8.09 -6.27
C LYS B 296 31.41 -6.88 -6.51
N ILE B 297 31.82 -5.97 -7.39
CA ILE B 297 30.99 -4.80 -7.70
C ILE B 297 29.60 -5.24 -8.16
N GLU B 298 29.54 -6.23 -9.06
CA GLU B 298 28.25 -6.64 -9.62
C GLU B 298 27.42 -7.35 -8.57
N GLU B 299 28.07 -8.06 -7.64
CA GLU B 299 27.31 -8.65 -6.53
C GLU B 299 26.72 -7.58 -5.62
N LEU B 300 27.49 -6.56 -5.26
CA LEU B 300 26.96 -5.45 -4.47
C LEU B 300 25.83 -4.72 -5.20
N LYS B 301 26.01 -4.46 -6.50
CA LYS B 301 24.96 -3.80 -7.26
C LYS B 301 23.68 -4.64 -7.31
N ALA B 302 23.83 -5.96 -7.44
CA ALA B 302 22.63 -6.81 -7.47
C ALA B 302 21.81 -6.71 -6.20
N HIS B 303 22.47 -6.40 -5.07
CA HIS B 303 21.84 -6.27 -3.76
C HIS B 303 21.48 -4.83 -3.43
N TRP B 304 21.62 -3.96 -4.39
CA TRP B 304 21.25 -2.57 -4.25
C TRP B 304 22.12 -1.91 -3.18
N LYS B 305 23.40 -2.31 -3.04
CA LYS B 305 24.20 -1.68 -1.99
C LYS B 305 25.01 -0.58 -2.66
N TRP B 306 24.40 0.59 -2.75
CA TRP B 306 24.92 1.56 -3.69
C TRP B 306 26.11 2.27 -3.12
N GLU B 307 26.05 2.55 -1.80
CA GLU B 307 27.19 3.20 -1.14
C GLU B 307 28.46 2.39 -1.30
N GLN B 308 28.38 1.06 -1.11
CA GLN B 308 29.54 0.20 -1.28
C GLN B 308 29.98 0.10 -2.73
N VAL B 309 29.01 0.02 -3.66
CA VAL B 309 29.33 0.05 -5.08
C VAL B 309 30.15 1.29 -5.41
N LEU B 310 29.69 2.46 -4.96
CA LEU B 310 30.33 3.71 -5.37
C LEU B 310 31.73 3.75 -4.79
N ALA B 311 31.86 3.34 -3.54
CA ALA B 311 33.18 3.37 -2.94
C ALA B 311 34.18 2.48 -3.71
N MET B 312 33.80 1.24 -4.10
CA MET B 312 34.73 0.40 -4.84
C MET B 312 35.01 1.00 -6.21
N CYS B 313 33.96 1.50 -6.88
CA CYS B 313 34.16 1.99 -8.24
C CYS B 313 35.04 3.22 -8.27
N GLN B 314 34.86 4.14 -7.30
CA GLN B 314 35.64 5.38 -7.28
C GLN B 314 37.11 5.09 -7.17
N ALA B 315 37.47 4.14 -6.30
CA ALA B 315 38.86 3.74 -6.11
C ALA B 315 39.45 3.19 -7.40
N ILE B 316 38.70 2.32 -8.08
CA ILE B 316 39.18 1.74 -9.34
C ILE B 316 39.34 2.80 -10.42
N ILE B 317 38.33 3.66 -10.60
CA ILE B 317 38.39 4.63 -11.69
C ILE B 317 39.53 5.63 -11.45
N SER B 318 39.65 6.11 -10.22
CA SER B 318 40.72 7.08 -9.99
C SER B 318 42.09 6.46 -10.17
N SER B 319 42.25 5.16 -9.88
CA SER B 319 43.59 4.57 -9.87
C SER B 319 44.16 4.37 -11.27
N ASN B 320 43.31 4.18 -12.26
CA ASN B 320 43.67 3.86 -13.63
CA ASN B 320 43.76 3.87 -13.61
C ASN B 320 43.60 5.03 -14.59
N SER B 321 43.30 6.25 -14.09
CA SER B 321 43.01 7.39 -14.96
C SER B 321 44.15 7.72 -15.93
N GLU B 322 45.41 7.38 -15.58
CA GLU B 322 46.51 7.72 -16.49
C GLU B 322 46.81 6.64 -17.51
N ARG B 323 46.17 5.47 -17.40
CA ARG B 323 46.56 4.24 -18.09
C ARG B 323 45.45 3.67 -18.96
N LEU B 324 44.25 3.53 -18.41
CA LEU B 324 43.21 2.68 -19.02
C LEU B 324 42.09 3.52 -19.65
N PRO B 325 41.83 3.41 -20.94
CA PRO B 325 40.75 4.19 -21.58
C PRO B 325 39.38 3.71 -21.15
N ASP B 326 38.42 4.64 -21.24
CA ASP B 326 37.04 4.35 -20.87
C ASP B 326 36.36 3.34 -21.79
N ILE B 327 36.82 3.18 -23.04
CA ILE B 327 36.14 2.27 -23.95
C ILE B 327 36.41 0.79 -23.62
N ASN B 328 37.44 0.53 -22.82
CA ASN B 328 37.67 -0.84 -22.36
C ASN B 328 36.40 -1.33 -21.67
N ILE B 329 35.92 -2.52 -22.03
CA ILE B 329 34.57 -2.90 -21.55
C ILE B 329 34.53 -3.09 -20.04
N TYR B 330 35.65 -3.50 -19.41
CA TYR B 330 35.60 -3.67 -17.95
C TYR B 330 35.60 -2.33 -17.26
N GLN B 331 36.41 -1.39 -17.76
CA GLN B 331 36.40 -0.04 -17.24
C GLN B 331 35.04 0.61 -17.47
N LEU B 332 34.44 0.33 -18.64
CA LEU B 332 33.11 0.89 -18.98
C LEU B 332 32.03 0.40 -18.04
N LYS B 333 32.04 -0.90 -17.73
CA LYS B 333 31.07 -1.42 -16.76
C LYS B 333 31.25 -0.79 -15.38
N VAL B 334 32.50 -0.52 -14.95
CA VAL B 334 32.70 0.15 -13.66
C VAL B 334 32.16 1.58 -13.70
N LEU B 335 32.36 2.28 -14.83
CA LEU B 335 31.79 3.62 -15.01
C LEU B 335 30.27 3.57 -14.95
N ASP B 336 29.67 2.59 -15.62
CA ASP B 336 28.23 2.50 -15.55
C ASP B 336 27.72 2.21 -14.13
N CYS B 337 28.39 1.29 -13.40
CA CYS B 337 27.97 1.03 -12.02
C CYS B 337 28.08 2.26 -11.15
N ALA B 338 29.16 3.03 -11.35
CA ALA B 338 29.38 4.27 -10.61
C ALA B 338 28.27 5.29 -10.91
N MET B 339 27.93 5.46 -12.19
CA MET B 339 26.83 6.37 -12.53
C MET B 339 25.53 5.94 -11.86
N ASP B 340 25.17 4.67 -11.98
CA ASP B 340 23.91 4.24 -11.38
C ASP B 340 23.93 4.36 -9.88
N ALA B 341 25.07 4.04 -9.24
CA ALA B 341 25.12 4.21 -7.79
C ALA B 341 24.90 5.66 -7.42
N CYS B 342 25.54 6.58 -8.16
CA CYS B 342 25.35 8.00 -7.88
C CYS B 342 23.91 8.44 -8.11
N ILE B 343 23.26 7.99 -9.18
CA ILE B 343 21.83 8.33 -9.35
C ILE B 343 20.99 7.87 -8.16
N ASN B 344 21.18 6.61 -7.72
CA ASN B 344 20.38 6.09 -6.63
C ASN B 344 20.66 6.78 -5.30
N LEU B 345 21.88 7.31 -5.14
CA LEU B 345 22.26 8.02 -3.93
C LEU B 345 21.97 9.51 -4.01
N GLY B 346 21.46 9.99 -5.15
CA GLY B 346 21.14 11.41 -5.32
C GLY B 346 22.35 12.28 -5.53
N LEU B 347 23.51 11.69 -5.92
CA LEU B 347 24.70 12.49 -6.17
C LEU B 347 24.69 12.69 -7.66
N LEU B 348 24.04 13.80 -8.07
CA LEU B 348 23.73 13.95 -9.49
C LEU B 348 24.86 14.54 -10.29
N GLU B 349 25.65 15.43 -9.70
CA GLU B 349 26.81 15.93 -10.43
C GLU B 349 27.80 14.79 -10.70
N GLU B 350 28.02 13.98 -9.70
CA GLU B 350 28.92 12.83 -9.83
C GLU B 350 28.37 11.83 -10.84
N ALA B 351 27.06 11.61 -10.83
CA ALA B 351 26.49 10.70 -11.83
C ALA B 351 26.77 11.18 -13.23
N LEU B 352 26.63 12.50 -13.49
CA LEU B 352 26.89 13.00 -14.85
C LEU B 352 28.36 12.85 -15.20
N PHE B 353 29.25 13.07 -14.23
CA PHE B 353 30.68 12.89 -14.47
C PHE B 353 30.99 11.50 -15.01
N TYR B 354 30.48 10.45 -14.35
CA TYR B 354 30.63 9.08 -14.86
C TYR B 354 29.80 8.81 -16.12
N GLY B 355 28.54 9.26 -16.16
CA GLY B 355 27.66 8.88 -17.27
C GLY B 355 28.10 9.47 -18.59
N THR B 356 28.64 10.69 -18.57
CA THR B 356 29.12 11.31 -19.80
C THR B 356 30.18 10.47 -20.46
N ARG B 357 31.02 9.84 -19.64
CA ARG B 357 32.11 9.06 -20.18
C ARG B 357 31.64 7.75 -20.83
N THR B 358 30.39 7.31 -20.59
CA THR B 358 29.89 6.09 -21.24
C THR B 358 29.28 6.34 -22.62
N MET B 359 29.09 7.60 -23.04
CA MET B 359 28.25 7.86 -24.22
C MET B 359 28.90 7.37 -25.50
N GLU B 360 30.18 7.73 -25.74
CA GLU B 360 30.75 7.25 -27.00
C GLU B 360 30.99 5.75 -27.02
N PRO B 361 31.50 5.12 -25.95
CA PRO B 361 31.55 3.65 -25.96
C PRO B 361 30.17 3.03 -26.17
N TYR B 362 29.13 3.58 -25.55
CA TYR B 362 27.80 2.98 -25.76
C TYR B 362 27.36 3.12 -27.22
N ARG B 363 27.74 4.23 -27.87
CA ARG B 363 27.42 4.37 -29.31
C ARG B 363 28.12 3.32 -30.15
N ILE B 364 29.36 2.95 -29.76
CA ILE B 364 30.08 1.94 -30.53
C ILE B 364 29.54 0.54 -30.24
N PHE B 365 29.25 0.20 -28.96
CA PHE B 365 28.94 -1.19 -28.62
C PHE B 365 27.44 -1.54 -28.68
N PHE B 366 26.55 -0.58 -28.83
CA PHE B 366 25.10 -0.80 -28.95
C PHE B 366 24.63 -0.18 -30.26
N PRO B 367 25.05 -0.73 -31.40
CA PRO B 367 24.74 -0.09 -32.68
C PRO B 367 23.25 -0.18 -32.99
N GLY B 368 22.80 0.72 -33.85
CA GLY B 368 21.40 0.70 -34.23
C GLY B 368 20.54 1.21 -33.08
N SER B 369 19.44 0.49 -32.83
CA SER B 369 18.49 0.85 -31.77
C SER B 369 18.50 -0.26 -30.72
N HIS B 370 19.06 0.04 -29.54
CA HIS B 370 19.09 -0.95 -28.47
C HIS B 370 18.52 -0.25 -27.23
N PRO B 371 17.64 -0.90 -26.47
CA PRO B 371 17.00 -0.20 -25.36
C PRO B 371 17.99 0.18 -24.29
N VAL B 372 19.07 -0.58 -24.17
CA VAL B 372 20.07 -0.24 -23.14
C VAL B 372 20.70 1.11 -23.44
N ARG B 373 21.04 1.35 -24.72
CA ARG B 373 21.63 2.64 -25.05
C ARG B 373 20.60 3.75 -24.95
N GLY B 374 19.37 3.48 -25.41
CA GLY B 374 18.33 4.51 -25.31
C GLY B 374 18.15 5.01 -23.88
N VAL B 375 18.06 4.07 -22.93
CA VAL B 375 17.87 4.43 -21.52
C VAL B 375 19.11 5.14 -20.96
N GLN B 376 20.31 4.70 -21.35
CA GLN B 376 21.53 5.35 -20.88
C GLN B 376 21.60 6.81 -21.35
N VAL B 377 21.26 7.06 -22.61
CA VAL B 377 21.28 8.41 -23.13
C VAL B 377 20.20 9.26 -22.47
N MET B 378 19.04 8.68 -22.22
CA MET B 378 18.00 9.40 -21.49
C MET B 378 18.48 9.77 -20.08
N LYS B 379 19.16 8.86 -19.39
CA LYS B 379 19.67 9.23 -18.06
C LYS B 379 20.66 10.38 -18.13
N VAL B 380 21.59 10.35 -19.08
CA VAL B 380 22.58 11.42 -19.17
C VAL B 380 21.91 12.74 -19.54
N GLY B 381 20.99 12.70 -20.51
CA GLY B 381 20.26 13.92 -20.87
C GLY B 381 19.48 14.48 -19.69
N LYS B 382 18.86 13.62 -18.91
CA LYS B 382 18.18 14.08 -17.70
C LYS B 382 19.15 14.69 -16.68
N LEU B 383 20.34 14.09 -16.53
CA LEU B 383 21.35 14.65 -15.61
C LEU B 383 21.83 16.02 -16.11
N GLN B 384 22.03 16.14 -17.43
CA GLN B 384 22.46 17.42 -18.01
C GLN B 384 21.41 18.50 -17.79
N LEU B 385 20.12 18.14 -17.92
CA LEU B 385 19.05 19.09 -17.66
C LEU B 385 19.12 19.57 -16.23
N HIS B 386 19.35 18.66 -15.29
CA HIS B 386 19.39 19.07 -13.90
C HIS B 386 20.60 19.95 -13.61
N GLN B 387 21.69 19.77 -14.35
CA GLN B 387 22.86 20.60 -14.12
C GLN B 387 22.78 21.92 -14.88
N GLY B 388 21.67 22.18 -15.55
CA GLY B 388 21.57 23.43 -16.27
C GLY B 388 22.35 23.46 -17.56
N MET B 389 22.74 22.30 -18.14
CA MET B 389 23.38 22.35 -19.44
C MET B 389 22.30 22.00 -20.46
N PHE B 390 21.66 23.02 -20.97
CA PHE B 390 20.49 22.88 -21.82
C PHE B 390 20.78 22.42 -23.26
N PRO B 391 21.75 23.02 -23.96
CA PRO B 391 22.00 22.57 -25.33
C PRO B 391 22.43 21.11 -25.37
N GLN B 392 23.30 20.70 -24.44
CA GLN B 392 23.72 19.31 -24.39
C GLN B 392 22.55 18.41 -24.01
N ALA B 393 21.75 18.79 -23.02
CA ALA B 393 20.61 17.95 -22.66
C ALA B 393 19.65 17.77 -23.82
N MET B 394 19.36 18.86 -24.54
CA MET B 394 18.42 18.75 -25.66
C MET B 394 18.92 17.74 -26.68
N LYS B 395 20.21 17.79 -27.00
CA LYS B 395 20.77 16.88 -27.99
C LYS B 395 20.62 15.42 -27.56
N ASN B 396 20.94 15.13 -26.28
CA ASN B 396 20.85 13.74 -25.82
C ASN B 396 19.42 13.28 -25.64
N LEU B 397 18.55 14.14 -25.11
CA LEU B 397 17.14 13.75 -24.97
C LEU B 397 16.50 13.47 -26.34
N ARG B 398 16.87 14.24 -27.36
CA ARG B 398 16.36 13.93 -28.71
C ARG B 398 16.93 12.61 -29.24
N LEU B 399 18.22 12.36 -29.00
CA LEU B 399 18.81 11.09 -29.39
C LEU B 399 18.12 9.92 -28.67
N ALA B 400 17.82 10.10 -27.38
CA ALA B 400 17.12 9.05 -26.63
C ALA B 400 15.74 8.76 -27.22
N PHE B 401 15.03 9.82 -27.61
CA PHE B 401 13.71 9.65 -28.24
C PHE B 401 13.81 8.90 -29.55
N ASP B 402 14.77 9.27 -30.38
CA ASP B 402 14.98 8.57 -31.65
C ASP B 402 15.23 7.08 -31.44
N ILE B 403 16.00 6.69 -30.42
CA ILE B 403 16.24 5.27 -30.14
C ILE B 403 15.00 4.61 -29.55
N MET B 404 14.41 5.21 -28.52
CA MET B 404 13.39 4.58 -27.73
C MET B 404 12.04 4.58 -28.45
N ARG B 405 11.82 5.51 -29.40
CA ARG B 405 10.61 5.34 -30.20
C ARG B 405 10.61 3.99 -30.89
N VAL B 406 11.80 3.50 -31.26
CA VAL B 406 11.93 2.18 -31.85
C VAL B 406 11.92 1.08 -30.78
N THR B 407 12.72 1.24 -29.71
CA THR B 407 12.91 0.11 -28.80
C THR B 407 11.78 -0.02 -27.79
N HIS B 408 11.18 1.10 -27.42
CA HIS B 408 10.18 1.16 -26.37
C HIS B 408 8.78 1.37 -26.94
N GLY B 409 8.57 2.45 -27.69
CA GLY B 409 7.30 2.74 -28.31
C GLY B 409 6.32 3.32 -27.30
N ARG B 410 5.18 3.79 -27.82
CA ARG B 410 4.19 4.48 -27.00
C ARG B 410 3.56 3.56 -25.96
N GLU B 411 3.64 2.23 -26.15
CA GLU B 411 3.08 1.23 -25.25
C GLU B 411 3.89 1.08 -23.95
N HIS B 412 5.04 1.71 -23.87
CA HIS B 412 5.86 1.70 -22.67
C HIS B 412 5.70 3.04 -21.94
N SER B 413 5.52 2.98 -20.61
CA SER B 413 5.26 4.20 -19.85
C SER B 413 6.46 5.13 -19.85
N LEU B 414 7.67 4.61 -20.09
CA LEU B 414 8.86 5.43 -20.06
C LEU B 414 8.87 6.47 -21.19
N ILE B 415 8.19 6.18 -22.29
CA ILE B 415 8.18 7.12 -23.41
C ILE B 415 7.48 8.43 -23.04
N GLU B 416 6.42 8.35 -22.22
CA GLU B 416 5.72 9.57 -21.85
C GLU B 416 6.63 10.46 -21.01
N ASP B 417 7.43 9.85 -20.13
CA ASP B 417 8.35 10.62 -19.29
C ASP B 417 9.35 11.39 -20.12
N LEU B 418 9.85 10.77 -21.18
CA LEU B 418 10.85 11.41 -22.01
C LEU B 418 10.29 12.63 -22.74
N ILE B 419 9.03 12.56 -23.17
CA ILE B 419 8.40 13.69 -23.87
C ILE B 419 8.30 14.92 -22.94
N LEU B 420 8.00 14.70 -21.66
CA LEU B 420 7.93 15.83 -20.73
C LEU B 420 9.29 16.53 -20.59
N LEU B 421 10.37 15.74 -20.52
CA LEU B 421 11.70 16.32 -20.32
C LEU B 421 12.13 17.16 -21.51
N LEU B 422 11.83 16.70 -22.73
CA LEU B 422 12.13 17.49 -23.93
C LEU B 422 11.44 18.85 -23.86
N GLU B 423 10.19 18.88 -23.38
CA GLU B 423 9.47 20.13 -23.28
C GLU B 423 10.13 21.06 -22.26
N GLU B 424 10.52 20.50 -21.11
CA GLU B 424 11.18 21.30 -20.09
C GLU B 424 12.51 21.84 -20.60
N CYS B 425 13.29 21.01 -21.30
CA CYS B 425 14.56 21.51 -21.83
C CYS B 425 14.34 22.63 -22.87
N ASP B 426 13.35 22.46 -23.76
CA ASP B 426 13.09 23.47 -24.77
C ASP B 426 12.76 24.81 -24.13
N ALA B 427 11.90 24.81 -23.11
CA ALA B 427 11.53 26.04 -22.42
C ALA B 427 12.74 26.73 -21.82
N ASN B 428 13.67 25.96 -21.26
CA ASN B 428 14.84 26.56 -20.65
C ASN B 428 15.78 27.17 -21.69
N ILE B 429 15.85 26.60 -22.90
CA ILE B 429 16.74 27.15 -23.92
C ILE B 429 16.27 28.54 -24.36
N ARG B 430 14.97 28.71 -24.58
CA ARG B 430 14.46 30.01 -24.98
C ARG B 430 14.59 31.04 -23.86
N ALA B 431 14.42 30.62 -22.60
CA ALA B 431 14.52 31.49 -21.42
C ALA B 431 15.97 31.79 -21.02
N TYR C 1 -18.91 -0.20 40.03
CA TYR C 1 -19.14 1.15 39.52
C TYR C 1 -17.84 1.95 39.49
N GLU C 7 -13.29 1.51 31.24
CA GLU C 7 -13.74 2.91 31.25
C GLU C 7 -14.06 3.38 29.84
N LYS C 8 -13.01 3.57 29.03
CA LYS C 8 -13.15 4.04 27.66
C LYS C 8 -13.02 2.85 26.72
N PHE C 9 -14.09 2.54 26.03
CA PHE C 9 -14.17 1.50 25.02
C PHE C 9 -14.91 2.12 23.86
N GLY C 10 -14.92 1.44 22.73
CA GLY C 10 -15.71 1.82 21.56
C GLY C 10 -14.93 2.34 20.36
N LYS C 11 -15.34 1.86 19.19
CA LYS C 11 -14.64 2.14 17.94
C LYS C 11 -14.82 3.59 17.55
N GLY C 12 -13.75 4.23 17.03
CA GLY C 12 -13.87 5.60 16.55
C GLY C 12 -13.69 6.63 17.65
N GLY C 13 -14.07 7.86 17.34
CA GLY C 13 -14.01 8.93 18.32
C GLY C 13 -13.81 10.29 17.69
N THR C 14 -13.47 11.27 18.56
CA THR C 14 -13.36 12.68 18.15
C THR C 14 -12.39 12.88 17.00
N TYR C 15 -11.33 12.07 16.92
CA TYR C 15 -10.41 12.14 15.77
C TYR C 15 -10.30 10.77 15.04
N GLU D 7 23.53 -20.68 -10.41
CA GLU D 7 23.40 -19.37 -9.77
C GLU D 7 22.66 -18.36 -10.67
N LYS D 8 23.34 -17.89 -11.71
CA LYS D 8 22.79 -16.90 -12.64
C LYS D 8 22.37 -17.55 -13.95
N PHE D 9 21.08 -17.45 -14.26
CA PHE D 9 20.45 -17.91 -15.48
C PHE D 9 19.56 -16.78 -15.96
N GLY D 10 19.07 -16.90 -17.17
CA GLY D 10 18.10 -16.01 -17.80
C GLY D 10 18.60 -15.13 -18.94
N LYS D 11 17.78 -15.10 -19.98
CA LYS D 11 18.12 -14.41 -21.22
C LYS D 11 18.06 -12.92 -20.98
N GLY D 12 19.06 -12.20 -21.54
CA GLY D 12 19.08 -10.75 -21.46
C GLY D 12 19.75 -10.23 -20.20
N GLY D 13 19.54 -8.93 -19.96
CA GLY D 13 20.04 -8.30 -18.75
C GLY D 13 20.26 -6.80 -18.91
N THR D 14 20.97 -6.25 -17.91
CA THR D 14 21.21 -4.80 -17.83
C THR D 14 21.92 -4.26 -19.05
N TYR D 15 22.77 -5.07 -19.70
CA TYR D 15 23.43 -4.66 -20.94
C TYR D 15 23.10 -5.64 -22.06
ZN ZN E . -2.31 -0.43 11.37
ZN ZN F . -36.59 7.79 34.48
ZN ZN G . -34.00 15.38 22.10
MG MG H . -26.60 -18.55 29.03
C1 EDO I . -19.25 36.78 15.57
O1 EDO I . -19.90 35.96 14.58
C2 EDO I . -17.74 36.75 15.36
O2 EDO I . -17.48 36.31 14.03
C1 EDO J . -11.48 7.13 12.58
O1 EDO J . -10.24 7.82 12.40
C2 EDO J . -12.11 7.63 13.87
O2 EDO J . -12.19 9.07 13.80
N SAH K . -13.72 -10.13 12.33
CA SAH K . -14.88 -9.74 13.22
CB SAH K . -15.55 -8.43 12.79
CG SAH K . -14.85 -7.14 13.25
SD SAH K . -15.10 -6.98 15.05
C SAH K . -15.89 -10.88 13.28
O SAH K . -15.57 -11.99 12.75
OXT SAH K . -16.99 -10.68 13.85
C5' SAH K . -13.41 -6.79 15.71
C4' SAH K . -12.58 -8.08 15.64
O4' SAH K . -12.21 -8.44 14.32
C3' SAH K . -11.23 -7.87 16.32
O3' SAH K . -11.31 -7.96 17.74
C2' SAH K . -10.35 -8.90 15.69
O2' SAH K . -10.74 -10.20 16.12
C1' SAH K . -10.84 -8.80 14.28
N9 SAH K . -10.11 -7.83 13.46
C8 SAH K . -10.60 -6.60 13.05
N7 SAH K . -9.67 -6.02 12.28
C5 SAH K . -8.57 -6.84 12.19
C6 SAH K . -7.36 -6.73 11.54
N6 SAH K . -7.01 -5.66 10.85
N1 SAH K . -6.43 -7.74 11.66
C2 SAH K . -6.75 -8.84 12.45
N3 SAH K . -7.97 -9.01 13.09
C4 SAH K . -8.89 -7.99 12.93
ZN ZN L . 27.13 -14.48 -32.36
ZN ZN M . 2.94 -15.00 2.61
ZN ZN N . 3.77 -3.05 -5.97
MG MG O . 6.20 -37.15 -15.04
C1 EDO P . 16.10 -7.50 -20.66
O1 EDO P . 16.53 -8.48 -19.69
C2 EDO P . 16.71 -7.79 -22.03
O2 EDO P . 16.50 -9.15 -22.44
C1 GOL Q . 7.14 -32.79 -6.13
O1 GOL Q . 8.14 -32.57 -5.16
C2 GOL Q . 7.43 -34.01 -6.98
O2 GOL Q . 7.53 -33.62 -8.33
C3 GOL Q . 8.71 -34.69 -6.47
O3 GOL Q . 9.41 -35.31 -7.52
C1 EDO R . 20.30 -7.75 -23.39
O1 EDO R . 20.44 -6.36 -23.01
C2 EDO R . 20.41 -7.94 -24.90
O2 EDO R . 21.57 -7.26 -25.43
N SAH S . 15.25 -23.37 -30.79
CA SAH S . 14.44 -23.28 -29.54
CB SAH S . 13.96 -21.86 -29.22
CG SAH S . 15.03 -20.95 -28.61
SD SAH S . 15.32 -21.52 -26.89
C SAH S . 13.26 -24.27 -29.55
O SAH S . 13.13 -25.10 -30.48
OXT SAH S . 12.45 -24.30 -28.59
C5' SAH S . 17.11 -21.73 -26.86
C4' SAH S . 17.66 -22.91 -27.66
O4' SAH S . 17.53 -22.64 -29.06
C3' SAH S . 19.15 -23.03 -27.39
O3' SAH S . 19.49 -23.69 -26.19
C2' SAH S . 19.61 -23.71 -28.67
O2' SAH S . 19.18 -25.05 -28.66
C1' SAH S . 18.72 -23.04 -29.69
N9 SAH S . 19.32 -21.84 -30.30
C8 SAH S . 18.94 -20.54 -30.07
N7 SAH S . 19.69 -19.72 -30.83
C5 SAH S . 20.56 -20.48 -31.55
C6 SAH S . 21.59 -20.18 -32.47
N6 SAH S . 21.86 -18.94 -32.83
N1 SAH S . 22.30 -21.25 -33.03
C2 SAH S . 22.04 -22.55 -32.66
N3 SAH S . 21.05 -22.83 -31.73
C4 SAH S . 20.34 -21.81 -31.20
C1 EDO T . -11.24 7.95 20.63
O1 EDO T . -11.10 6.58 20.25
C2 EDO T . -10.64 8.17 22.02
O2 EDO T . -9.31 7.66 22.08
C1 EDO U . 23.21 -10.48 -17.21
O1 EDO U . 24.61 -10.36 -17.50
C2 EDO U . 22.66 -11.80 -17.72
O2 EDO U . 22.72 -11.74 -19.14
#